data_6SND
#
_entry.id   6SND
#
_cell.length_a   137.707
_cell.length_b   137.707
_cell.length_c   146.719
_cell.angle_alpha   90.000
_cell.angle_beta   90.000
_cell.angle_gamma   90.000
#
_symmetry.space_group_name_H-M   'P 43 21 2'
#
loop_
_entity.id
_entity.type
_entity.pdbx_description
1 polymer 'LN01 light chain'
2 polymer 'LN01 heavy chain'
3 polymer 'Envelope glycoprotein gp160'
4 non-polymer 2-acetamido-2-deoxy-beta-D-glucopyranose
5 non-polymer 'dodecyl 2-(trimethylammonio)ethyl phosphate'
6 non-polymer PHOSPHOCHOLINE
7 non-polymer 1,2-DICAPROYL-SN-PHOSPHATIDYL-L-SERINE
#
loop_
_entity_poly.entity_id
_entity_poly.type
_entity_poly.pdbx_seq_one_letter_code
_entity_poly.pdbx_strand_id
1 'polypeptide(L)'
;DIQMTQSPSSLSASVGDKVTITCRASQSVTKYLNWYQFKTGQAPRILIYGTYTLLSGVSPRFSGAGSGSLYTLTITNIQP
EDFATYYCQQAHSTPWTFGQGTHVAANRTVAAPSVFIFPPSDEQLKSGTASVVCLLNNFYPREAKVQWKVDNALQSGNSQ
ESVTEQDSKDSTYSLSSTLTLSKADYEKHKVYACEVTHQGLSSPVTKSFNRGG
;
A,L
2 'polypeptide(L)'
;EVQLVESGPGLVQPWGTLSLTCRVSGDSVSNDNYYWAWIRQTPGRELQVIGTIYYSGTTYYNPSLRNRVTISLDKSVNVV
SLRLGSVSAADTAQYYCVRMPSHGFWSTSFSYWYFDLWGRGHFVAVSWASTKGPSVFPLAPSSKSTSGGTAALGCLVKDY
FPEPVTVSWNSGALTSGVHTFPAVLQSSGLYSLSSVVTVPSSSLGTQTYICNVDHKPSNTKVDKKVEPKSCDTTS
;
B,H
3 'polypeptide(L)' NWFDITNWLWYIKLFIMIVKKKKKK C,P
#
# COMPACT_ATOMS: atom_id res chain seq x y z
N ASP A 1 -22.09 -8.07 -8.26
CA ASP A 1 -21.82 -6.69 -8.66
C ASP A 1 -20.81 -6.63 -9.80
N ILE A 2 -21.08 -5.77 -10.78
CA ILE A 2 -20.18 -5.61 -11.92
C ILE A 2 -18.94 -4.84 -11.46
N GLN A 3 -17.78 -5.48 -11.59
CA GLN A 3 -16.52 -4.83 -11.22
C GLN A 3 -15.98 -3.99 -12.37
N MET A 4 -15.46 -2.82 -12.01
CA MET A 4 -15.04 -1.80 -12.96
C MET A 4 -13.58 -1.45 -12.72
N THR A 5 -12.80 -1.34 -13.80
CA THR A 5 -11.38 -0.98 -13.65
C THR A 5 -10.96 0.02 -14.71
N GLN A 6 -10.36 1.12 -14.25
CA GLN A 6 -9.84 2.17 -15.10
C GLN A 6 -8.34 2.02 -15.27
N SER A 7 -7.84 2.47 -16.42
CA SER A 7 -6.41 2.51 -16.70
C SER A 7 -6.07 3.75 -17.52
N PRO A 8 -4.96 4.44 -17.18
CA PRO A 8 -4.14 4.10 -16.02
C PRO A 8 -4.73 4.63 -14.71
N SER A 9 -4.24 4.12 -13.58
CA SER A 9 -4.72 4.62 -12.29
C SER A 9 -4.35 6.09 -12.12
N SER A 10 -3.12 6.45 -12.45
CA SER A 10 -2.69 7.83 -12.49
C SER A 10 -1.93 8.09 -13.78
N LEU A 11 -1.98 9.34 -14.24
CA LEU A 11 -1.17 9.77 -15.37
C LEU A 11 -0.90 11.26 -15.20
N SER A 12 0.06 11.75 -15.97
CA SER A 12 0.30 13.19 -16.04
C SER A 12 0.52 13.60 -17.48
N ALA A 13 0.14 14.84 -17.79
CA ALA A 13 0.09 15.31 -19.16
C ALA A 13 0.45 16.79 -19.20
N SER A 14 1.06 17.20 -20.31
CA SER A 14 1.30 18.62 -20.56
C SER A 14 0.06 19.25 -21.18
N VAL A 15 -0.14 20.53 -20.90
CA VAL A 15 -1.28 21.25 -21.47
C VAL A 15 -1.22 21.19 -22.98
N GLY A 16 -2.34 20.78 -23.59
CA GLY A 16 -2.46 20.62 -25.03
C GLY A 16 -2.51 19.17 -25.47
N ASP A 17 -1.87 18.27 -24.73
CA ASP A 17 -1.82 16.86 -25.08
C ASP A 17 -3.23 16.27 -25.18
N LYS A 18 -3.34 15.20 -25.96
CA LYS A 18 -4.52 14.34 -25.92
C LYS A 18 -4.36 13.32 -24.81
N VAL A 19 -5.44 13.08 -24.07
CA VAL A 19 -5.42 12.16 -22.94
C VAL A 19 -6.59 11.19 -23.08
N THR A 20 -6.30 9.90 -23.08
CA THR A 20 -7.35 8.88 -23.14
C THR A 20 -7.32 8.01 -21.90
N ILE A 21 -8.51 7.76 -21.35
CA ILE A 21 -8.70 7.01 -20.12
C ILE A 21 -9.60 5.83 -20.45
N THR A 22 -9.16 4.62 -20.14
CA THR A 22 -9.88 3.42 -20.53
C THR A 22 -10.58 2.81 -19.33
N CYS A 23 -11.79 2.32 -19.55
CA CYS A 23 -12.63 1.75 -18.51
C CYS A 23 -13.14 0.39 -18.97
N ARG A 24 -12.71 -0.68 -18.32
CA ARG A 24 -13.14 -2.03 -18.65
C ARG A 24 -14.03 -2.59 -17.55
N ALA A 25 -15.02 -3.37 -17.96
CA ALA A 25 -16.04 -3.93 -17.09
C ALA A 25 -15.98 -5.45 -17.13
N SER A 26 -16.45 -6.07 -16.04
CA SER A 26 -16.36 -7.53 -15.93
C SER A 26 -17.38 -8.21 -16.83
N GLN A 27 -18.52 -7.55 -17.06
CA GLN A 27 -19.50 -7.97 -18.05
C GLN A 27 -19.55 -6.95 -19.18
N SER A 28 -20.42 -7.21 -20.15
CA SER A 28 -20.83 -6.18 -21.08
C SER A 28 -21.86 -5.28 -20.42
N VAL A 29 -21.71 -3.97 -20.60
CA VAL A 29 -22.57 -2.97 -20.00
C VAL A 29 -23.47 -2.30 -21.02
N THR A 30 -23.40 -2.75 -22.27
CA THR A 30 -24.16 -2.21 -23.39
C THR A 30 -24.38 -0.70 -23.27
N LYS A 31 -23.29 0.05 -23.38
CA LYS A 31 -23.27 1.50 -23.57
C LYS A 31 -23.93 2.28 -22.44
N TYR A 32 -24.30 1.64 -21.34
CA TYR A 32 -24.80 2.38 -20.16
C TYR A 32 -23.62 2.76 -19.28
N LEU A 33 -22.86 3.76 -19.75
CA LEU A 33 -21.57 4.07 -19.15
C LEU A 33 -21.46 5.58 -18.99
N ASN A 34 -21.26 6.03 -17.75
CA ASN A 34 -21.24 7.45 -17.42
C ASN A 34 -19.84 7.85 -16.96
N TRP A 35 -19.48 9.10 -17.19
CA TRP A 35 -18.20 9.66 -16.79
C TRP A 35 -18.43 10.89 -15.92
N TYR A 36 -17.67 10.97 -14.83
CA TYR A 36 -17.75 12.03 -13.84
C TYR A 36 -16.37 12.63 -13.59
N GLN A 37 -16.37 13.92 -13.24
CA GLN A 37 -15.18 14.68 -12.89
C GLN A 37 -15.17 15.09 -11.42
N PHE A 38 -14.08 14.78 -10.72
CA PHE A 38 -13.89 15.09 -9.31
C PHE A 38 -12.69 16.01 -9.18
N LYS A 39 -12.94 17.23 -8.70
CA LYS A 39 -11.87 18.16 -8.33
C LYS A 39 -12.04 18.56 -6.88
N THR A 40 -10.92 18.78 -6.20
CA THR A 40 -10.96 19.30 -4.84
C THR A 40 -11.43 20.76 -4.88
N GLY A 41 -12.36 21.11 -4.01
CA GLY A 41 -12.88 22.46 -4.02
C GLY A 41 -14.32 22.56 -4.49
N GLN A 42 -14.68 21.81 -5.52
CA GLN A 42 -16.02 21.86 -6.10
C GLN A 42 -16.73 20.55 -5.86
N ALA A 43 -18.04 20.59 -6.08
CA ALA A 43 -18.85 19.38 -6.03
C ALA A 43 -18.54 18.50 -7.23
N PRO A 44 -18.59 17.17 -7.06
CA PRO A 44 -18.50 16.26 -8.21
C PRO A 44 -19.44 16.68 -9.33
N ARG A 45 -19.04 16.34 -10.55
CA ARG A 45 -19.67 16.89 -11.75
C ARG A 45 -19.70 15.82 -12.83
N ILE A 46 -20.88 15.56 -13.37
CA ILE A 46 -20.99 14.63 -14.49
C ILE A 46 -20.49 15.34 -15.74
N LEU A 47 -19.91 14.58 -16.66
CA LEU A 47 -19.63 15.14 -17.97
C LEU A 47 -20.22 14.29 -19.09
N ILE A 48 -20.25 12.97 -18.93
CA ILE A 48 -20.86 12.15 -19.98
C ILE A 48 -21.81 11.13 -19.39
N TYR A 49 -22.88 10.83 -20.12
CA TYR A 49 -23.78 9.75 -19.77
C TYR A 49 -24.06 8.94 -21.03
N GLY A 50 -24.27 7.65 -20.85
CA GLY A 50 -24.57 6.74 -21.94
C GLY A 50 -23.50 6.72 -23.03
N THR A 51 -22.24 6.56 -22.63
CA THR A 51 -21.09 6.45 -23.53
C THR A 51 -20.74 7.74 -24.27
N TYR A 52 -21.67 8.30 -25.06
CA TYR A 52 -21.36 9.39 -25.96
C TYR A 52 -21.93 10.75 -25.58
N THR A 53 -22.98 10.81 -24.78
CA THR A 53 -23.74 12.06 -24.65
C THR A 53 -23.04 13.03 -23.71
N LEU A 54 -22.76 14.23 -24.21
CA LEU A 54 -22.22 15.33 -23.42
C LEU A 54 -23.36 16.06 -22.71
N LEU A 55 -23.10 16.52 -21.48
CA LEU A 55 -24.08 17.34 -20.80
C LEU A 55 -23.81 18.82 -21.05
N SER A 56 -24.85 19.63 -20.91
CA SER A 56 -24.72 21.06 -21.09
C SER A 56 -23.63 21.63 -20.21
N GLY A 57 -22.87 22.59 -20.75
CA GLY A 57 -21.82 23.23 -19.99
C GLY A 57 -20.53 22.44 -19.88
N VAL A 58 -20.52 21.19 -20.34
CA VAL A 58 -19.28 20.43 -20.45
C VAL A 58 -18.62 20.78 -21.77
N SER A 59 -17.32 21.07 -21.72
CA SER A 59 -16.62 21.50 -22.92
C SER A 59 -16.48 20.33 -23.90
N PRO A 60 -16.53 20.61 -25.20
CA PRO A 60 -16.47 19.53 -26.19
C PRO A 60 -15.10 18.90 -26.34
N ARG A 61 -14.09 19.39 -25.61
CA ARG A 61 -12.83 18.65 -25.50
C ARG A 61 -13.08 17.23 -25.00
N PHE A 62 -14.01 17.08 -24.07
CA PHE A 62 -14.37 15.76 -23.57
C PHE A 62 -15.20 15.02 -24.61
N SER A 63 -14.90 13.73 -24.79
CA SER A 63 -15.63 12.93 -25.75
C SER A 63 -15.59 11.47 -25.31
N GLY A 64 -16.71 10.78 -25.47
CA GLY A 64 -16.80 9.42 -24.98
C GLY A 64 -16.91 8.43 -26.12
N ALA A 65 -16.50 7.20 -25.88
CA ALA A 65 -16.53 6.19 -26.93
C ALA A 65 -16.50 4.82 -26.29
N GLY A 66 -16.94 3.82 -27.03
CA GLY A 66 -16.79 2.46 -26.54
C GLY A 66 -18.01 1.61 -26.78
N SER A 67 -17.93 0.35 -26.36
CA SER A 67 -19.03 -0.59 -26.48
C SER A 67 -18.66 -1.86 -25.72
N GLY A 68 -19.62 -2.74 -25.57
CA GLY A 68 -19.34 -4.02 -24.94
C GLY A 68 -18.86 -3.81 -23.52
N SER A 69 -17.66 -4.32 -23.23
CA SER A 69 -17.05 -4.17 -21.91
C SER A 69 -15.96 -3.11 -21.86
N LEU A 70 -15.80 -2.31 -22.92
CA LEU A 70 -14.63 -1.45 -23.03
C LEU A 70 -15.03 -0.07 -23.52
N TYR A 71 -14.79 0.95 -22.69
CA TYR A 71 -15.15 2.33 -23.00
C TYR A 71 -13.93 3.21 -22.77
N THR A 72 -14.01 4.46 -23.23
CA THR A 72 -12.86 5.36 -23.23
C THR A 72 -13.33 6.81 -23.22
N LEU A 73 -12.82 7.57 -22.26
CA LEU A 73 -12.99 9.02 -22.19
C LEU A 73 -11.78 9.68 -22.82
N THR A 74 -12.00 10.76 -23.56
CA THR A 74 -10.91 11.43 -24.26
C THR A 74 -10.97 12.93 -24.04
N ILE A 75 -9.87 13.49 -23.56
CA ILE A 75 -9.68 14.93 -23.40
C ILE A 75 -8.78 15.40 -24.54
N THR A 76 -9.33 16.25 -25.41
CA THR A 76 -8.71 16.48 -26.71
C THR A 76 -7.54 17.47 -26.62
N ASN A 77 -7.71 18.57 -25.89
CA ASN A 77 -6.72 19.64 -25.89
C ASN A 77 -6.50 20.13 -24.45
N ILE A 78 -6.19 19.19 -23.57
CA ILE A 78 -6.29 19.32 -22.11
C ILE A 78 -5.88 20.70 -21.62
N GLN A 79 -6.71 21.29 -20.76
CA GLN A 79 -6.58 22.65 -20.28
C GLN A 79 -6.38 22.65 -18.77
N PRO A 80 -5.90 23.76 -18.19
CA PRO A 80 -5.67 23.79 -16.73
C PRO A 80 -6.87 23.35 -15.91
N GLU A 81 -8.09 23.70 -16.35
CA GLU A 81 -9.29 23.35 -15.61
C GLU A 81 -9.67 21.89 -15.78
N ASP A 82 -8.97 21.14 -16.64
CA ASP A 82 -9.24 19.73 -16.88
C ASP A 82 -8.45 18.78 -15.99
N PHE A 83 -7.42 19.27 -15.29
CA PHE A 83 -6.62 18.41 -14.44
C PHE A 83 -7.40 18.05 -13.18
N ALA A 84 -7.64 16.75 -12.97
CA ALA A 84 -8.66 16.30 -12.04
C ALA A 84 -8.67 14.77 -11.97
N THR A 85 -9.62 14.17 -11.26
CA THR A 85 -9.74 12.72 -11.31
C THR A 85 -11.08 12.33 -11.89
N TYR A 86 -11.07 11.31 -12.74
CA TYR A 86 -12.22 10.94 -13.55
C TYR A 86 -12.67 9.53 -13.19
N TYR A 87 -13.99 9.36 -13.09
CA TYR A 87 -14.60 8.08 -12.73
C TYR A 87 -15.59 7.62 -13.79
N CYS A 88 -15.58 6.33 -14.09
CA CYS A 88 -16.60 5.71 -14.93
C CYS A 88 -17.55 4.90 -14.08
N GLN A 89 -18.82 4.85 -14.51
CA GLN A 89 -19.88 4.18 -13.75
C GLN A 89 -20.79 3.43 -14.72
N GLN A 90 -21.21 2.23 -14.31
CA GLN A 90 -22.08 1.40 -15.14
C GLN A 90 -23.52 1.44 -14.64
N ALA A 91 -24.46 1.65 -15.56
CA ALA A 91 -25.89 1.67 -15.26
C ALA A 91 -26.60 0.40 -15.74
N HIS A 92 -25.85 -0.58 -16.24
CA HIS A 92 -26.43 -1.83 -16.75
C HIS A 92 -27.09 -2.71 -15.68
N SER A 93 -26.44 -2.90 -14.54
CA SER A 93 -26.96 -3.82 -13.52
C SER A 93 -27.57 -3.11 -12.33
N THR A 94 -28.28 -3.90 -11.52
CA THR A 94 -29.02 -3.35 -10.39
C THR A 94 -28.17 -2.58 -9.39
N PRO A 95 -26.96 -3.02 -8.97
CA PRO A 95 -26.22 -2.16 -8.04
C PRO A 95 -25.23 -1.35 -8.86
N TRP A 96 -25.44 -0.05 -8.96
CA TRP A 96 -24.56 0.76 -9.78
C TRP A 96 -23.19 0.83 -9.14
N THR A 97 -22.14 0.75 -9.96
CA THR A 97 -20.78 0.66 -9.45
C THR A 97 -19.86 1.55 -10.28
N PHE A 98 -18.93 2.19 -9.59
CA PHE A 98 -17.98 3.11 -10.19
C PHE A 98 -16.66 2.40 -10.42
N GLY A 99 -15.80 3.04 -11.22
CA GLY A 99 -14.42 2.64 -11.33
C GLY A 99 -13.65 3.11 -10.11
N GLN A 100 -12.35 2.90 -10.15
CA GLN A 100 -11.50 3.29 -9.03
C GLN A 100 -10.92 4.68 -9.20
N GLY A 101 -10.94 5.21 -10.41
CA GLY A 101 -10.56 6.60 -10.63
C GLY A 101 -9.24 6.74 -11.35
N THR A 102 -9.17 7.72 -12.24
CA THR A 102 -7.94 8.04 -12.95
C THR A 102 -7.57 9.48 -12.61
N HIS A 103 -6.40 9.65 -11.99
CA HIS A 103 -5.94 10.97 -11.57
C HIS A 103 -5.06 11.54 -12.66
N VAL A 104 -5.45 12.70 -13.18
CA VAL A 104 -4.72 13.36 -14.27
C VAL A 104 -4.14 14.66 -13.70
N ALA A 105 -2.81 14.69 -13.66
CA ALA A 105 -2.00 15.76 -13.11
C ALA A 105 -1.19 16.41 -14.23
N ALA A 106 -0.56 17.54 -13.93
CA ALA A 106 0.14 18.33 -14.94
C ALA A 106 1.62 17.97 -15.01
N ASN A 107 2.13 17.93 -16.24
CA ASN A 107 3.57 17.97 -16.49
C ASN A 107 4.02 19.41 -16.58
N ARG A 108 5.25 19.65 -16.13
CA ARG A 108 5.70 21.02 -15.93
C ARG A 108 7.23 21.00 -15.95
N THR A 109 7.82 22.19 -16.07
CA THR A 109 9.27 22.30 -16.04
C THR A 109 9.78 22.30 -14.61
N VAL A 110 11.01 21.80 -14.44
CA VAL A 110 11.57 21.67 -13.11
C VAL A 110 11.52 23.01 -12.39
N ALA A 111 11.22 22.96 -11.09
CA ALA A 111 11.17 24.15 -10.25
C ALA A 111 11.74 23.77 -8.89
N ALA A 112 12.80 24.45 -8.48
CA ALA A 112 13.39 24.17 -7.19
C ALA A 112 12.51 24.74 -6.07
N PRO A 113 12.53 24.10 -4.90
CA PRO A 113 11.71 24.58 -3.79
C PRO A 113 12.42 25.68 -3.01
N SER A 114 11.63 26.59 -2.45
CA SER A 114 12.17 27.50 -1.46
C SER A 114 12.02 26.86 -0.08
N VAL A 115 13.09 26.87 0.71
CA VAL A 115 13.12 26.15 1.97
C VAL A 115 13.02 27.14 3.10
N PHE A 116 12.17 26.83 4.08
CA PHE A 116 11.97 27.64 5.27
C PHE A 116 12.03 26.73 6.48
N ILE A 117 12.41 27.29 7.63
CA ILE A 117 12.43 26.52 8.87
C ILE A 117 11.79 27.34 9.98
N PHE A 118 11.02 26.65 10.82
CA PHE A 118 10.29 27.25 11.92
C PHE A 118 10.66 26.55 13.21
N PRO A 119 11.20 27.25 14.20
CA PRO A 119 11.41 26.65 15.52
C PRO A 119 10.10 26.59 16.28
N PRO A 120 10.05 25.89 17.42
CA PRO A 120 8.77 25.72 18.10
C PRO A 120 8.31 26.96 18.84
N SER A 121 7.00 27.17 18.83
CA SER A 121 6.38 28.32 19.47
C SER A 121 6.53 28.24 20.98
N ASP A 122 6.86 29.38 21.60
CA ASP A 122 6.98 29.44 23.05
C ASP A 122 5.78 28.82 23.75
N GLU A 123 4.58 29.18 23.31
CA GLU A 123 3.35 28.56 23.82
C GLU A 123 3.47 27.03 23.83
N GLN A 124 4.00 26.45 22.75
CA GLN A 124 4.08 25.00 22.68
C GLN A 124 5.15 24.46 23.61
N LEU A 125 6.24 25.20 23.83
CA LEU A 125 7.21 24.75 24.82
C LEU A 125 6.59 24.78 26.22
N LYS A 126 5.74 25.77 26.48
CA LYS A 126 4.96 25.76 27.72
C LYS A 126 4.11 24.50 27.81
N SER A 127 3.48 24.11 26.70
CA SER A 127 2.63 22.91 26.72
C SER A 127 3.41 21.63 27.00
N GLY A 128 4.71 21.61 26.74
CA GLY A 128 5.56 20.50 27.15
C GLY A 128 6.11 19.66 26.01
N THR A 129 5.78 19.98 24.77
CA THR A 129 6.36 19.35 23.59
C THR A 129 6.91 20.43 22.67
N ALA A 130 7.62 20.00 21.62
CA ALA A 130 8.26 20.94 20.70
C ALA A 130 8.20 20.36 19.30
N SER A 131 7.57 21.10 18.39
CA SER A 131 7.50 20.74 16.98
C SER A 131 8.30 21.77 16.18
N VAL A 132 9.15 21.29 15.28
CA VAL A 132 9.89 22.17 14.39
C VAL A 132 9.49 21.82 12.96
N VAL A 133 9.22 22.85 12.16
CA VAL A 133 8.66 22.66 10.82
C VAL A 133 9.71 23.00 9.78
N CYS A 134 9.85 22.13 8.79
CA CYS A 134 10.56 22.47 7.56
C CYS A 134 9.52 22.60 6.45
N LEU A 135 9.59 23.70 5.71
CA LEU A 135 8.67 23.97 4.62
C LEU A 135 9.43 23.98 3.30
N LEU A 136 8.93 23.24 2.32
CA LEU A 136 9.43 23.25 0.95
C LEU A 136 8.31 23.82 0.09
N ASN A 137 8.51 25.01 -0.44
CA ASN A 137 7.46 25.73 -1.15
C ASN A 137 7.68 25.67 -2.64
N ASN A 138 6.61 25.32 -3.36
CA ASN A 138 6.43 25.51 -4.81
C ASN A 138 7.57 24.88 -5.61
N PHE A 139 7.51 23.55 -5.69
CA PHE A 139 8.52 22.77 -6.39
C PHE A 139 7.86 21.75 -7.31
N TYR A 140 8.66 21.17 -8.20
CA TYR A 140 8.25 20.12 -9.12
C TYR A 140 9.52 19.47 -9.68
N PRO A 141 9.60 18.15 -9.76
CA PRO A 141 8.59 17.11 -9.51
C PRO A 141 8.31 16.82 -8.03
N ARG A 142 7.34 15.92 -7.80
CA ARG A 142 6.84 15.68 -6.45
C ARG A 142 7.89 15.03 -5.55
N GLU A 143 8.85 14.31 -6.13
CA GLU A 143 9.80 13.55 -5.34
C GLU A 143 10.78 14.50 -4.67
N ALA A 144 10.85 14.44 -3.34
CA ALA A 144 11.81 15.27 -2.60
C ALA A 144 12.20 14.54 -1.33
N LYS A 145 13.47 14.65 -0.97
CA LYS A 145 14.02 14.01 0.21
C LYS A 145 14.28 15.08 1.26
N VAL A 146 13.81 14.83 2.48
CA VAL A 146 13.91 15.80 3.58
C VAL A 146 14.45 15.05 4.79
N GLN A 147 15.69 15.32 5.17
CA GLN A 147 16.32 14.71 6.32
C GLN A 147 16.51 15.73 7.43
N TRP A 148 16.30 15.29 8.67
CA TRP A 148 16.48 16.12 9.85
C TRP A 148 17.82 15.77 10.49
N LYS A 149 18.55 16.79 10.92
CA LYS A 149 19.82 16.59 11.59
C LYS A 149 19.89 17.46 12.84
N VAL A 150 20.14 16.81 13.98
CA VAL A 150 20.26 17.49 15.27
C VAL A 150 21.69 17.28 15.73
N ASP A 151 22.46 18.36 15.78
CA ASP A 151 23.88 18.31 16.14
C ASP A 151 24.62 17.30 15.27
N ASN A 152 24.25 17.27 13.98
CA ASN A 152 24.80 16.44 12.91
C ASN A 152 24.30 15.01 12.93
N ALA A 153 23.41 14.61 13.83
CA ALA A 153 22.90 13.25 13.84
C ALA A 153 21.55 13.19 13.15
N LEU A 154 21.34 12.13 12.38
CA LEU A 154 20.11 11.92 11.63
C LEU A 154 19.02 11.32 12.52
N GLN A 155 17.77 11.70 12.23
CA GLN A 155 16.66 11.33 13.08
C GLN A 155 15.99 10.06 12.56
N SER A 156 15.13 9.49 13.41
CA SER A 156 14.35 8.30 13.09
C SER A 156 12.92 8.66 12.68
N GLY A 157 11.96 8.20 13.47
CA GLY A 157 10.54 8.36 13.25
C GLY A 157 9.97 9.57 13.95
N ASN A 158 10.85 10.45 14.43
CA ASN A 158 10.43 11.66 15.13
C ASN A 158 9.59 12.58 14.25
N SER A 159 9.80 12.56 12.93
CA SER A 159 9.13 13.52 12.06
C SER A 159 8.15 12.84 11.11
N GLN A 160 7.16 13.62 10.70
CA GLN A 160 6.13 13.27 9.73
C GLN A 160 6.15 14.25 8.56
N GLU A 161 5.82 13.74 7.38
CA GLU A 161 5.78 14.59 6.20
C GLU A 161 4.35 14.67 5.68
N SER A 162 4.06 15.77 4.98
CA SER A 162 2.77 16.00 4.36
C SER A 162 2.99 16.81 3.09
N VAL A 163 2.16 16.56 2.08
CA VAL A 163 2.35 17.15 0.76
C VAL A 163 1.00 17.62 0.23
N THR A 164 0.95 18.87 -0.23
CA THR A 164 -0.29 19.42 -0.75
C THR A 164 -0.62 18.73 -2.08
N GLU A 165 -1.85 18.94 -2.55
CA GLU A 165 -2.12 18.60 -3.93
C GLU A 165 -1.55 19.65 -4.88
N GLN A 166 -1.41 19.26 -6.14
CA GLN A 166 -0.87 20.14 -7.16
C GLN A 166 -1.68 21.43 -7.27
N ASP A 167 -0.97 22.55 -7.35
CA ASP A 167 -1.65 23.85 -7.43
C ASP A 167 -2.35 23.97 -8.78
N SER A 168 -3.56 24.53 -8.75
CA SER A 168 -4.36 24.61 -9.99
C SER A 168 -3.64 25.43 -11.06
N LYS A 169 -3.07 26.57 -10.68
CA LYS A 169 -2.38 27.44 -11.63
C LYS A 169 -0.85 27.27 -11.61
N ASP A 170 -0.26 27.18 -10.42
CA ASP A 170 1.19 26.98 -10.32
C ASP A 170 1.61 25.65 -10.93
N SER A 171 0.77 24.63 -10.79
CA SER A 171 1.12 23.24 -11.14
C SER A 171 2.29 22.71 -10.31
N THR A 172 2.43 23.15 -9.06
CA THR A 172 3.56 22.75 -8.24
C THR A 172 3.07 22.30 -6.88
N TYR A 173 3.97 21.64 -6.14
CA TYR A 173 3.69 21.07 -4.83
C TYR A 173 4.42 21.83 -3.74
N SER A 174 3.91 21.70 -2.51
CA SER A 174 4.60 22.13 -1.31
C SER A 174 4.52 21.03 -0.26
N LEU A 175 5.49 21.03 0.66
CA LEU A 175 5.66 19.91 1.57
C LEU A 175 6.07 20.43 2.94
N SER A 176 5.49 19.85 3.99
CA SER A 176 5.86 20.15 5.36
C SER A 176 6.43 18.90 6.01
N SER A 177 7.63 19.01 6.55
CA SER A 177 8.21 18.00 7.44
C SER A 177 8.22 18.52 8.86
N THR A 178 7.34 18.01 9.71
CA THR A 178 7.30 18.46 11.10
C THR A 178 7.95 17.39 11.97
N LEU A 179 8.95 17.80 12.75
CA LEU A 179 9.66 16.92 13.66
C LEU A 179 9.19 17.22 15.08
N THR A 180 8.66 16.21 15.75
CA THR A 180 8.04 16.38 17.07
C THR A 180 8.91 15.72 18.13
N LEU A 181 9.08 16.41 19.25
CA LEU A 181 10.04 16.01 20.28
C LEU A 181 9.47 16.39 21.63
N SER A 182 9.92 15.68 22.67
CA SER A 182 9.65 16.14 24.03
C SER A 182 10.42 17.41 24.31
N LYS A 183 9.88 18.25 25.19
CA LYS A 183 10.59 19.47 25.57
C LYS A 183 11.97 19.16 26.14
N ALA A 184 12.08 18.08 26.90
CA ALA A 184 13.36 17.54 27.37
C ALA A 184 14.39 17.49 26.25
N ASP A 185 14.14 16.60 25.28
CA ASP A 185 15.08 16.39 24.19
C ASP A 185 15.40 17.68 23.45
N TYR A 186 14.38 18.51 23.19
CA TYR A 186 14.63 19.76 22.47
C TYR A 186 15.56 20.68 23.27
N GLU A 187 15.37 20.75 24.59
CA GLU A 187 16.24 21.57 25.42
C GLU A 187 17.65 21.01 25.49
N LYS A 188 17.80 19.68 25.37
CA LYS A 188 19.13 19.08 25.37
C LYS A 188 20.05 19.73 24.34
N HIS A 189 19.65 19.73 23.07
CA HIS A 189 20.55 19.99 21.96
C HIS A 189 20.49 21.44 21.49
N LYS A 190 21.43 21.79 20.62
CA LYS A 190 21.66 23.17 20.16
C LYS A 190 21.23 23.40 18.71
N VAL A 191 21.86 22.71 17.76
CA VAL A 191 21.81 23.08 16.35
C VAL A 191 20.83 22.16 15.64
N TYR A 192 19.70 22.72 15.19
CA TYR A 192 18.65 22.00 14.51
C TYR A 192 18.66 22.36 13.03
N ALA A 193 18.73 21.34 12.15
CA ALA A 193 18.92 21.58 10.73
C ALA A 193 18.04 20.65 9.90
N CYS A 194 17.63 21.18 8.75
CA CYS A 194 16.75 20.51 7.80
C CYS A 194 17.46 20.52 6.45
N GLU A 195 17.76 19.33 5.94
CA GLU A 195 18.50 19.17 4.70
C GLU A 195 17.55 18.64 3.64
N VAL A 196 17.60 19.24 2.45
CA VAL A 196 16.65 18.97 1.39
C VAL A 196 17.43 18.56 0.15
N THR A 197 17.01 17.48 -0.48
CA THR A 197 17.50 17.09 -1.80
C THR A 197 16.31 17.00 -2.75
N HIS A 198 16.50 17.54 -3.95
CA HIS A 198 15.43 17.57 -4.94
C HIS A 198 16.06 17.83 -6.30
N GLN A 199 15.45 17.24 -7.34
CA GLN A 199 15.88 17.53 -8.69
C GLN A 199 15.72 19.03 -8.94
N GLY A 200 16.54 19.58 -9.82
CA GLY A 200 16.56 21.02 -9.96
C GLY A 200 17.21 21.76 -8.82
N LEU A 201 17.70 21.07 -7.80
CA LEU A 201 18.76 21.55 -6.93
C LEU A 201 20.05 20.81 -7.29
N SER A 202 21.15 21.56 -7.40
CA SER A 202 22.45 20.96 -7.66
C SER A 202 23.09 20.43 -6.38
N SER A 203 23.13 21.26 -5.34
CA SER A 203 23.56 20.87 -4.01
C SER A 203 22.36 20.75 -3.07
N PRO A 204 22.39 19.80 -2.14
CA PRO A 204 21.42 19.80 -1.06
C PRO A 204 21.37 21.15 -0.36
N VAL A 205 20.16 21.57 0.01
CA VAL A 205 19.96 22.88 0.64
C VAL A 205 19.63 22.65 2.10
N THR A 206 20.35 23.34 2.98
CA THR A 206 20.20 23.15 4.41
C THR A 206 19.78 24.45 5.07
N LYS A 207 18.83 24.35 5.99
CA LYS A 207 18.40 25.46 6.82
C LYS A 207 18.53 25.04 8.27
N SER A 208 19.07 25.91 9.10
CA SER A 208 19.43 25.50 10.46
C SER A 208 19.33 26.69 11.38
N PHE A 209 19.09 26.41 12.66
CA PHE A 209 19.17 27.43 13.68
C PHE A 209 19.85 26.89 14.93
N ASN A 210 20.18 27.81 15.83
CA ASN A 210 20.70 27.50 17.15
C ASN A 210 19.60 27.79 18.15
N ARG A 211 19.25 26.79 18.95
CA ARG A 211 18.22 26.95 19.97
C ARG A 211 18.57 28.09 20.92
N GLY A 212 17.66 29.07 21.01
CA GLY A 212 17.89 30.23 21.85
C GLY A 212 18.19 31.48 21.08
N GLY A 213 19.13 31.39 20.15
CA GLY A 213 19.52 32.53 19.33
C GLY A 213 20.62 32.22 18.34
N VAL B 2 -30.39 25.64 -8.65
CA VAL B 2 -30.58 24.43 -7.87
C VAL B 2 -29.35 24.17 -7.00
N GLN B 3 -29.55 24.14 -5.68
CA GLN B 3 -28.48 23.98 -4.72
C GLN B 3 -28.78 22.77 -3.83
N LEU B 4 -27.72 22.06 -3.45
CA LEU B 4 -27.83 20.85 -2.62
C LEU B 4 -26.85 20.99 -1.46
N VAL B 5 -27.37 21.19 -0.26
CA VAL B 5 -26.54 21.39 0.93
C VAL B 5 -26.77 20.21 1.87
N GLU B 6 -25.74 19.37 2.03
CA GLU B 6 -25.79 18.25 2.97
C GLU B 6 -25.31 18.68 4.35
N SER B 7 -25.84 18.03 5.37
CA SER B 7 -25.48 18.34 6.74
C SER B 7 -25.80 17.15 7.64
N GLY B 8 -25.16 17.15 8.80
CA GLY B 8 -25.32 16.12 9.79
C GLY B 8 -24.20 16.21 10.82
N PRO B 9 -24.06 15.18 11.66
CA PRO B 9 -23.00 15.21 12.66
C PRO B 9 -21.64 14.90 12.05
N GLY B 10 -20.60 15.36 12.74
CA GLY B 10 -19.24 15.07 12.33
C GLY B 10 -18.77 13.71 12.77
N LEU B 11 -19.16 13.32 13.98
CA LEU B 11 -18.66 12.11 14.62
C LEU B 11 -19.84 11.31 15.15
N VAL B 12 -19.80 10.00 14.94
CA VAL B 12 -20.87 9.11 15.37
C VAL B 12 -20.23 7.95 16.13
N GLN B 13 -20.86 7.57 17.24
CA GLN B 13 -20.37 6.49 18.07
C GLN B 13 -20.67 5.14 17.39
N PRO B 14 -19.78 4.15 17.51
CA PRO B 14 -20.08 2.83 16.96
C PRO B 14 -21.34 2.25 17.57
N TRP B 15 -22.05 1.45 16.77
CA TRP B 15 -23.36 0.88 17.05
C TRP B 15 -24.47 1.93 17.14
N GLY B 16 -24.18 3.18 16.81
CA GLY B 16 -25.20 4.20 16.77
C GLY B 16 -25.87 4.21 15.41
N THR B 17 -26.82 5.12 15.25
CA THR B 17 -27.45 5.33 13.96
C THR B 17 -27.14 6.75 13.50
N LEU B 18 -26.67 6.86 12.27
CA LEU B 18 -26.14 8.10 11.72
C LEU B 18 -27.13 8.64 10.70
N SER B 19 -27.62 9.85 10.95
CA SER B 19 -28.63 10.49 10.10
C SER B 19 -28.05 11.75 9.46
N LEU B 20 -28.21 11.85 8.15
CA LEU B 20 -27.86 13.03 7.38
C LEU B 20 -29.07 13.59 6.67
N THR B 21 -29.04 14.90 6.41
CA THR B 21 -30.13 15.59 5.73
C THR B 21 -29.54 16.44 4.62
N CYS B 22 -30.21 16.43 3.47
CA CYS B 22 -29.81 17.20 2.30
C CYS B 22 -30.92 18.17 1.94
N ARG B 23 -30.63 19.46 2.05
CA ARG B 23 -31.57 20.52 1.71
C ARG B 23 -31.44 20.88 0.22
N VAL B 24 -32.55 20.78 -0.50
CA VAL B 24 -32.61 21.01 -1.93
C VAL B 24 -33.17 22.40 -2.16
N SER B 25 -32.38 23.28 -2.78
CA SER B 25 -32.71 24.70 -2.81
C SER B 25 -33.18 25.19 -4.17
N GLY B 26 -33.33 24.31 -5.16
CA GLY B 26 -33.80 24.76 -6.46
C GLY B 26 -35.26 24.49 -6.75
N ASP B 27 -35.66 23.22 -6.78
CA ASP B 27 -37.04 22.85 -7.07
C ASP B 27 -37.49 21.79 -6.10
N SER B 28 -38.78 21.45 -6.18
CA SER B 28 -39.39 20.53 -5.23
C SER B 28 -38.89 19.10 -5.46
N VAL B 29 -38.76 18.36 -4.36
CA VAL B 29 -38.33 16.96 -4.45
C VAL B 29 -39.42 16.09 -5.06
N SER B 30 -40.68 16.51 -4.98
CA SER B 30 -41.81 15.89 -5.65
C SER B 30 -41.94 16.29 -7.12
N ASN B 31 -40.88 16.88 -7.69
CA ASN B 31 -40.85 17.24 -9.11
C ASN B 31 -41.19 16.05 -10.00
N ASP B 32 -40.92 14.82 -9.53
CA ASP B 32 -41.22 13.55 -10.19
C ASP B 32 -40.57 13.41 -11.56
N ASN B 33 -39.84 14.42 -12.00
CA ASN B 33 -38.87 14.26 -13.08
C ASN B 33 -37.51 13.79 -12.59
N TYR B 34 -37.32 13.71 -11.28
CA TYR B 34 -36.03 13.37 -10.69
C TYR B 34 -36.22 12.31 -9.60
N TYR B 35 -35.28 11.38 -9.53
CA TYR B 35 -34.99 10.64 -8.32
C TYR B 35 -33.91 11.35 -7.52
N TRP B 36 -33.78 10.96 -6.26
CA TRP B 36 -32.75 11.50 -5.40
C TRP B 36 -31.99 10.36 -4.75
N ALA B 37 -30.72 10.59 -4.43
CA ALA B 37 -29.89 9.47 -4.05
C ALA B 37 -28.80 9.89 -3.10
N TRP B 38 -28.25 8.88 -2.42
CA TRP B 38 -27.11 9.04 -1.52
C TRP B 38 -25.99 8.15 -2.01
N ILE B 39 -24.81 8.73 -2.13
CA ILE B 39 -23.60 8.07 -2.65
C ILE B 39 -22.46 8.42 -1.72
N ARG B 40 -21.56 7.47 -1.44
CA ARG B 40 -20.52 7.77 -0.48
C ARG B 40 -19.16 7.36 -1.02
N GLN B 41 -18.14 8.08 -0.57
CA GLN B 41 -16.76 7.81 -0.92
C GLN B 41 -16.02 7.50 0.37
N THR B 42 -15.40 6.39 0.40
CA THR B 42 -14.60 5.94 1.52
C THR B 42 -13.18 6.48 1.41
N PRO B 43 -12.46 6.63 2.53
CA PRO B 43 -11.04 6.94 2.43
C PRO B 43 -10.39 5.79 1.67
N GLY B 44 -9.74 6.13 0.56
CA GLY B 44 -9.37 5.14 -0.42
C GLY B 44 -10.08 5.27 -1.75
N ARG B 45 -10.83 6.35 -1.95
CA ARG B 45 -11.38 6.77 -3.24
C ARG B 45 -12.43 5.85 -3.86
N GLU B 46 -12.98 4.87 -3.14
CA GLU B 46 -14.02 4.04 -3.73
C GLU B 46 -15.40 4.67 -3.57
N LEU B 47 -16.16 4.69 -4.67
CA LEU B 47 -17.49 5.27 -4.75
C LEU B 47 -18.59 4.20 -4.65
N GLN B 48 -19.44 4.32 -3.63
CA GLN B 48 -20.51 3.39 -3.35
C GLN B 48 -21.84 4.15 -3.40
N VAL B 49 -22.86 3.55 -4.00
CA VAL B 49 -24.18 4.19 -4.10
C VAL B 49 -25.06 3.57 -3.03
N ILE B 50 -25.21 4.30 -1.92
CA ILE B 50 -26.01 3.82 -0.79
C ILE B 50 -27.48 3.64 -1.15
N GLY B 51 -28.09 4.63 -1.79
CA GLY B 51 -29.51 4.47 -2.05
C GLY B 51 -30.10 5.41 -3.08
N THR B 52 -31.31 5.04 -3.54
CA THR B 52 -32.14 5.76 -4.50
C THR B 52 -33.57 5.88 -3.97
N ILE B 53 -34.20 7.05 -4.17
CA ILE B 53 -35.57 7.27 -3.70
C ILE B 53 -36.31 8.11 -4.75
N TYR B 54 -37.64 8.01 -4.73
CA TYR B 54 -38.54 8.71 -5.65
C TYR B 54 -39.68 9.35 -4.88
N TYR B 55 -40.17 10.47 -5.44
CA TYR B 55 -41.33 11.19 -4.90
C TYR B 55 -42.48 10.27 -4.50
N SER B 56 -42.65 9.14 -5.20
CA SER B 56 -43.78 8.28 -4.92
C SER B 56 -43.59 7.44 -3.66
N GLY B 57 -42.36 7.34 -3.16
CA GLY B 57 -42.06 6.58 -1.96
C GLY B 57 -41.17 5.38 -2.21
N THR B 58 -41.01 4.97 -3.46
CA THR B 58 -40.23 3.77 -3.74
C THR B 58 -38.74 4.01 -3.56
N THR B 59 -38.09 3.05 -2.93
CA THR B 59 -36.67 3.16 -2.62
C THR B 59 -35.92 1.96 -3.18
N TYR B 60 -34.67 2.19 -3.54
CA TYR B 60 -33.71 1.13 -3.83
C TYR B 60 -32.56 1.28 -2.85
N TYR B 61 -32.11 0.16 -2.29
CA TYR B 61 -30.99 0.17 -1.36
C TYR B 61 -29.95 -0.83 -1.85
N ASN B 62 -28.69 -0.45 -1.76
CA ASN B 62 -27.61 -1.36 -2.10
C ASN B 62 -27.73 -2.60 -1.21
N PRO B 63 -27.74 -3.81 -1.80
CA PRO B 63 -27.94 -5.02 -0.97
C PRO B 63 -27.07 -5.10 0.27
N SER B 64 -25.77 -4.81 0.14
CA SER B 64 -24.86 -4.95 1.27
C SER B 64 -25.20 -4.04 2.43
N LEU B 65 -26.07 -3.05 2.23
CA LEU B 65 -26.52 -2.16 3.28
C LEU B 65 -28.01 -2.28 3.56
N ARG B 66 -28.76 -2.99 2.70
CA ARG B 66 -30.22 -2.91 2.69
C ARG B 66 -30.84 -3.18 4.06
N ASN B 67 -30.24 -4.09 4.83
CA ASN B 67 -30.71 -4.46 6.16
C ASN B 67 -30.72 -3.30 7.16
N ARG B 68 -30.06 -2.17 6.86
CA ARG B 68 -29.82 -1.18 7.92
C ARG B 68 -29.78 0.25 7.39
N VAL B 69 -30.43 0.54 6.27
CA VAL B 69 -30.44 1.89 5.73
C VAL B 69 -31.89 2.24 5.41
N THR B 70 -32.23 3.53 5.54
CA THR B 70 -33.52 4.05 5.12
C THR B 70 -33.34 5.45 4.57
N ILE B 71 -33.94 5.71 3.41
CA ILE B 71 -33.97 7.04 2.81
C ILE B 71 -35.42 7.50 2.78
N SER B 72 -35.63 8.79 2.95
CA SER B 72 -37.00 9.28 2.88
C SER B 72 -37.00 10.76 2.51
N LEU B 73 -38.10 11.19 1.91
CA LEU B 73 -38.31 12.60 1.60
C LEU B 73 -39.12 13.28 2.70
N ASP B 74 -38.78 14.54 2.98
CA ASP B 74 -39.55 15.40 3.86
C ASP B 74 -40.00 16.55 2.96
N LYS B 75 -41.22 16.39 2.41
CA LYS B 75 -41.72 17.29 1.38
C LYS B 75 -41.94 18.70 1.90
N SER B 76 -42.30 18.84 3.18
CA SER B 76 -42.75 20.13 3.69
C SER B 76 -41.61 21.15 3.72
N VAL B 77 -40.38 20.68 3.92
CA VAL B 77 -39.21 21.54 3.94
C VAL B 77 -38.26 21.23 2.79
N ASN B 78 -38.64 20.31 1.91
CA ASN B 78 -37.88 19.97 0.70
C ASN B 78 -36.53 19.35 1.01
N VAL B 79 -36.47 18.44 1.98
CA VAL B 79 -35.20 17.80 2.30
C VAL B 79 -35.31 16.31 2.01
N VAL B 80 -34.14 15.69 1.83
CA VAL B 80 -34.05 14.24 1.72
C VAL B 80 -33.13 13.72 2.84
N SER B 81 -33.61 12.71 3.56
CA SER B 81 -32.95 12.20 4.74
C SER B 81 -32.40 10.80 4.46
N LEU B 82 -31.26 10.53 5.10
CA LEU B 82 -30.63 9.22 5.11
C LEU B 82 -30.36 8.81 6.54
N ARG B 83 -30.80 7.61 6.91
CA ARG B 83 -30.49 6.99 8.19
C ARG B 83 -29.73 5.70 7.92
N LEU B 84 -28.63 5.51 8.64
CA LEU B 84 -27.80 4.30 8.54
C LEU B 84 -27.49 3.79 9.94
N GLY B 85 -28.02 2.62 10.28
CA GLY B 85 -27.94 2.07 11.61
C GLY B 85 -26.87 1.00 11.76
N SER B 86 -26.60 0.64 13.02
CA SER B 86 -25.55 -0.33 13.36
C SER B 86 -24.23 0.01 12.70
N VAL B 87 -23.81 1.26 12.86
CA VAL B 87 -22.72 1.83 12.08
C VAL B 87 -21.39 1.39 12.70
N SER B 88 -20.42 1.07 11.85
CA SER B 88 -19.10 0.65 12.30
C SER B 88 -18.03 1.60 11.77
N ALA B 89 -16.78 1.30 12.12
CA ALA B 89 -15.64 2.07 11.60
C ALA B 89 -15.62 2.12 10.08
N ALA B 90 -16.02 1.03 9.43
CA ALA B 90 -16.03 0.98 7.97
C ALA B 90 -17.08 1.88 7.32
N ASP B 91 -17.88 2.62 8.08
CA ASP B 91 -18.81 3.58 7.53
C ASP B 91 -18.28 5.01 7.55
N THR B 92 -17.02 5.21 7.94
CA THR B 92 -16.40 6.52 7.89
C THR B 92 -16.19 6.94 6.45
N ALA B 93 -16.85 8.02 6.02
CA ALA B 93 -16.82 8.36 4.60
C ALA B 93 -17.37 9.77 4.37
N GLN B 94 -17.15 10.25 3.13
CA GLN B 94 -17.80 11.43 2.60
C GLN B 94 -19.13 11.03 1.98
N TYR B 95 -20.20 11.71 2.36
CA TYR B 95 -21.56 11.39 1.95
C TYR B 95 -22.10 12.49 1.06
N TYR B 96 -22.33 12.17 -0.21
CA TYR B 96 -22.86 13.10 -1.21
C TYR B 96 -24.34 12.83 -1.43
N CYS B 97 -25.10 13.92 -1.54
CA CYS B 97 -26.49 13.92 -1.97
C CYS B 97 -26.54 14.23 -3.45
N VAL B 98 -27.44 13.56 -4.18
CA VAL B 98 -27.33 13.52 -5.64
C VAL B 98 -28.73 13.51 -6.25
N ARG B 99 -28.83 14.11 -7.44
CA ARG B 99 -30.05 14.18 -8.23
C ARG B 99 -29.89 13.31 -9.48
N MET B 100 -30.99 12.69 -9.92
CA MET B 100 -30.91 11.78 -11.06
C MET B 100 -32.14 11.94 -11.95
N PRO B 101 -31.97 12.45 -13.17
CA PRO B 101 -33.08 12.55 -14.11
C PRO B 101 -33.85 11.25 -14.27
N SER B 102 -35.18 11.34 -14.17
CA SER B 102 -36.09 10.25 -14.51
C SER B 102 -36.63 10.51 -15.91
N HIS B 103 -36.03 9.86 -16.89
CA HIS B 103 -36.45 10.00 -18.29
C HIS B 103 -37.61 9.05 -18.57
N GLY B 104 -38.72 9.60 -19.03
CA GLY B 104 -39.89 8.82 -19.32
C GLY B 104 -39.77 7.97 -20.57
N PHE B 105 -40.78 7.11 -20.74
CA PHE B 105 -40.76 6.07 -21.77
C PHE B 105 -40.46 6.64 -23.15
N TRP B 106 -41.03 7.79 -23.49
CA TRP B 106 -40.88 8.33 -24.84
C TRP B 106 -39.70 9.29 -24.97
N SER B 107 -39.01 9.60 -23.88
CA SER B 107 -37.79 10.39 -23.94
C SER B 107 -36.77 9.73 -24.87
N THR B 108 -36.08 10.57 -25.66
CA THR B 108 -34.96 10.07 -26.46
C THR B 108 -33.97 9.28 -25.62
N SER B 109 -33.79 9.65 -24.36
CA SER B 109 -32.77 9.05 -23.52
C SER B 109 -33.43 8.20 -22.44
N PHE B 110 -34.35 7.34 -22.85
CA PHE B 110 -35.05 6.46 -21.92
C PHE B 110 -34.14 5.30 -21.54
N SER B 111 -34.18 4.92 -20.26
CA SER B 111 -33.39 3.87 -19.62
C SER B 111 -31.97 4.34 -19.33
N TYR B 112 -31.60 5.55 -19.70
CA TYR B 112 -30.28 6.11 -19.36
C TYR B 112 -30.35 6.73 -17.99
N TRP B 113 -29.63 6.14 -17.04
CA TRP B 113 -29.67 6.53 -15.63
C TRP B 113 -28.30 7.09 -15.25
N TYR B 114 -28.26 8.37 -14.91
CA TYR B 114 -27.00 9.00 -14.57
C TYR B 114 -27.22 10.03 -13.48
N PHE B 115 -26.17 10.30 -12.72
CA PHE B 115 -26.22 11.22 -11.59
C PHE B 115 -25.76 12.60 -12.06
N ASP B 116 -26.72 13.49 -12.32
CA ASP B 116 -26.43 14.69 -13.08
C ASP B 116 -26.12 15.90 -12.22
N LEU B 117 -26.29 15.80 -10.91
CA LEU B 117 -26.04 16.93 -10.02
C LEU B 117 -25.67 16.40 -8.64
N TRP B 118 -24.57 16.91 -8.09
CA TRP B 118 -23.99 16.42 -6.84
C TRP B 118 -23.86 17.56 -5.85
N GLY B 119 -24.12 17.26 -4.57
CA GLY B 119 -23.83 18.18 -3.50
C GLY B 119 -22.35 18.21 -3.19
N ARG B 120 -21.99 19.05 -2.21
CA ARG B 120 -20.58 19.21 -1.90
C ARG B 120 -20.02 18.06 -1.08
N GLY B 121 -20.88 17.29 -0.42
CA GLY B 121 -20.45 16.22 0.46
C GLY B 121 -20.49 16.60 1.93
N HIS B 122 -20.44 15.58 2.79
CA HIS B 122 -20.34 15.77 4.23
C HIS B 122 -19.61 14.60 4.84
N PHE B 123 -18.53 14.86 5.57
CA PHE B 123 -17.69 13.79 6.10
C PHE B 123 -18.21 13.31 7.45
N VAL B 124 -18.17 12.00 7.65
CA VAL B 124 -18.62 11.38 8.90
C VAL B 124 -17.56 10.38 9.34
N ALA B 125 -16.98 10.61 10.52
CA ALA B 125 -16.09 9.66 11.17
C ALA B 125 -16.88 8.84 12.18
N VAL B 126 -16.57 7.55 12.28
CA VAL B 126 -17.22 6.64 13.21
C VAL B 126 -16.16 6.04 14.12
N SER B 127 -16.18 6.41 15.40
CA SER B 127 -15.09 6.05 16.30
C SER B 127 -15.60 6.04 17.73
N TRP B 128 -15.07 5.11 18.53
CA TRP B 128 -15.30 5.16 19.98
C TRP B 128 -14.67 6.38 20.61
N ALA B 129 -13.49 6.79 20.13
CA ALA B 129 -12.79 7.94 20.68
C ALA B 129 -13.70 9.16 20.69
N SER B 130 -13.48 10.02 21.68
CA SER B 130 -14.30 11.21 21.84
C SER B 130 -13.66 12.42 21.17
N THR B 131 -14.48 13.44 20.95
CA THR B 131 -14.03 14.64 20.26
C THR B 131 -12.97 15.35 21.10
N LYS B 132 -12.09 16.10 20.42
CA LYS B 132 -11.07 16.87 21.12
C LYS B 132 -10.62 17.99 20.20
N GLY B 133 -10.77 19.23 20.68
CA GLY B 133 -10.40 20.39 19.88
C GLY B 133 -8.90 20.60 19.78
N PRO B 134 -8.48 21.34 18.76
CA PRO B 134 -7.05 21.53 18.50
C PRO B 134 -6.47 22.70 19.26
N SER B 135 -5.16 22.62 19.50
CA SER B 135 -4.38 23.77 19.92
C SER B 135 -3.74 24.43 18.70
N VAL B 136 -3.67 25.75 18.72
CA VAL B 136 -3.14 26.54 17.60
C VAL B 136 -1.90 27.28 18.10
N PHE B 137 -0.77 27.07 17.43
CA PHE B 137 0.48 27.71 17.79
C PHE B 137 1.03 28.50 16.61
N PRO B 138 1.54 29.71 16.83
CA PRO B 138 2.06 30.48 15.68
C PRO B 138 3.37 29.87 15.16
N LEU B 139 3.54 29.96 13.84
CA LEU B 139 4.81 29.76 13.15
C LEU B 139 5.26 31.13 12.68
N ALA B 140 6.04 31.82 13.52
CA ALA B 140 6.39 33.21 13.30
C ALA B 140 7.48 33.33 12.23
N PRO B 141 7.39 34.33 11.36
CA PRO B 141 8.48 34.55 10.40
C PRO B 141 9.74 35.07 11.07
N SER B 142 10.87 34.75 10.45
CA SER B 142 12.18 35.17 10.92
C SER B 142 13.09 35.36 9.72
N SER B 143 14.35 35.69 9.98
CA SER B 143 15.34 35.70 8.91
C SER B 143 15.56 34.31 8.33
N LYS B 144 15.20 33.27 9.09
CA LYS B 144 15.40 31.89 8.69
C LYS B 144 14.22 31.33 7.91
N SER B 145 13.02 31.89 8.09
CA SER B 145 11.87 31.58 7.24
C SER B 145 11.66 32.64 6.18
N THR B 146 12.75 33.26 5.71
CA THR B 146 12.71 34.25 4.65
C THR B 146 13.58 33.78 3.50
N SER B 147 13.09 33.95 2.28
CA SER B 147 13.83 33.61 1.07
C SER B 147 13.70 34.79 0.10
N GLY B 148 14.77 35.57 -0.03
CA GLY B 148 14.72 36.72 -0.91
C GLY B 148 13.86 37.82 -0.32
N GLY B 149 12.94 38.33 -1.13
CA GLY B 149 12.06 39.40 -0.73
C GLY B 149 10.75 38.98 -0.12
N THR B 150 10.48 37.69 -0.03
CA THR B 150 9.23 37.19 0.54
C THR B 150 9.52 36.37 1.80
N ALA B 151 8.64 36.52 2.79
CA ALA B 151 8.72 35.80 4.04
C ALA B 151 7.58 34.80 4.14
N ALA B 152 7.84 33.70 4.86
CA ALA B 152 6.85 32.67 5.07
C ALA B 152 6.45 32.65 6.55
N LEU B 153 5.17 32.40 6.80
CA LEU B 153 4.66 32.36 8.16
C LEU B 153 3.49 31.39 8.18
N GLY B 154 3.04 31.03 9.38
CA GLY B 154 1.91 30.14 9.45
C GLY B 154 1.40 29.94 10.86
N CYS B 155 0.58 28.91 11.01
CA CYS B 155 0.18 28.44 12.33
C CYS B 155 -0.07 26.93 12.28
N LEU B 156 0.35 26.27 13.35
CA LEU B 156 0.26 24.83 13.52
C LEU B 156 -1.02 24.49 14.29
N VAL B 157 -1.86 23.65 13.70
CA VAL B 157 -3.12 23.20 14.29
C VAL B 157 -2.90 21.75 14.73
N LYS B 158 -2.59 21.55 16.01
CA LYS B 158 -2.10 20.29 16.52
C LYS B 158 -3.09 19.65 17.50
N ASP B 159 -3.11 18.31 17.48
CA ASP B 159 -3.83 17.47 18.43
C ASP B 159 -5.33 17.75 18.43
N TYR B 160 -6.03 17.18 17.44
CA TYR B 160 -7.48 17.31 17.35
C TYR B 160 -8.05 16.01 16.80
N PHE B 161 -9.31 15.73 17.14
CA PHE B 161 -10.01 14.58 16.60
C PHE B 161 -11.49 14.91 16.70
N PRO B 162 -12.30 14.59 15.68
CA PRO B 162 -11.95 13.92 14.42
C PRO B 162 -11.72 14.94 13.29
N GLU B 163 -11.26 14.47 12.14
CA GLU B 163 -11.13 15.33 10.99
C GLU B 163 -12.53 15.76 10.52
N PRO B 164 -12.66 16.99 9.97
CA PRO B 164 -11.61 17.90 9.54
C PRO B 164 -11.56 19.23 10.29
N VAL B 165 -10.49 19.99 10.06
CA VAL B 165 -10.37 21.38 10.51
C VAL B 165 -10.33 22.27 9.29
N THR B 166 -10.88 23.47 9.43
CA THR B 166 -10.89 24.47 8.37
C THR B 166 -10.06 25.66 8.83
N VAL B 167 -9.16 26.14 7.97
CA VAL B 167 -8.27 27.24 8.31
C VAL B 167 -8.40 28.33 7.27
N SER B 168 -8.53 29.58 7.74
CA SER B 168 -8.58 30.75 6.88
C SER B 168 -7.55 31.76 7.38
N TRP B 169 -7.27 32.78 6.57
CA TRP B 169 -6.35 33.83 6.96
C TRP B 169 -7.00 35.19 6.76
N ASN B 170 -6.80 36.07 7.74
CA ASN B 170 -7.40 37.40 7.78
C ASN B 170 -8.88 37.35 7.39
N SER B 171 -9.59 36.37 7.95
CA SER B 171 -11.05 36.21 7.75
C SER B 171 -11.42 36.17 6.28
N GLY B 172 -10.62 35.43 5.49
CA GLY B 172 -10.91 35.22 4.09
C GLY B 172 -10.36 36.26 3.12
N ALA B 173 -9.89 37.41 3.61
CA ALA B 173 -9.38 38.42 2.70
C ALA B 173 -8.01 38.05 2.12
N LEU B 174 -7.28 37.15 2.76
CA LEU B 174 -5.95 36.74 2.28
C LEU B 174 -6.07 35.33 1.71
N THR B 175 -6.05 35.24 0.38
CA THR B 175 -6.15 33.97 -0.33
C THR B 175 -5.20 33.99 -1.53
N SER B 176 -3.91 34.16 -1.25
CA SER B 176 -2.89 34.21 -2.29
C SER B 176 -1.62 33.62 -1.72
N GLY B 177 -1.28 32.41 -2.17
CA GLY B 177 -0.10 31.72 -1.71
C GLY B 177 -0.31 30.92 -0.45
N VAL B 178 -1.57 30.72 -0.06
CA VAL B 178 -1.88 29.96 1.15
C VAL B 178 -1.77 28.48 0.85
N HIS B 179 -1.22 27.73 1.81
CA HIS B 179 -1.04 26.29 1.71
C HIS B 179 -1.39 25.72 3.07
N THR B 180 -2.60 25.20 3.21
CA THR B 180 -2.98 24.44 4.39
C THR B 180 -2.88 22.96 4.02
N PHE B 181 -1.98 22.26 4.70
CA PHE B 181 -1.64 20.91 4.32
C PHE B 181 -2.74 19.93 4.72
N PRO B 182 -2.77 18.74 4.13
CA PRO B 182 -3.60 17.67 4.69
C PRO B 182 -3.13 17.29 6.09
N ALA B 183 -4.04 16.76 6.87
CA ALA B 183 -3.72 16.33 8.22
C ALA B 183 -2.78 15.12 8.19
N VAL B 184 -2.13 14.87 9.31
CA VAL B 184 -1.39 13.64 9.54
C VAL B 184 -1.86 13.05 10.85
N LEU B 185 -1.96 11.72 10.90
CA LEU B 185 -2.41 11.01 12.09
C LEU B 185 -1.21 10.72 12.99
N GLN B 186 -1.13 11.41 14.13
CA GLN B 186 -0.01 11.24 15.04
C GLN B 186 -0.13 9.91 15.78
N SER B 187 0.95 9.51 16.44
CA SER B 187 0.96 8.29 17.24
C SER B 187 -0.15 8.31 18.29
N SER B 188 -0.38 9.47 18.92
CA SER B 188 -1.45 9.61 19.90
C SER B 188 -2.82 9.22 19.36
N GLY B 189 -3.00 9.18 18.05
CA GLY B 189 -4.31 8.99 17.46
C GLY B 189 -5.06 10.27 17.18
N LEU B 190 -4.44 11.42 17.37
CA LEU B 190 -5.02 12.71 17.07
C LEU B 190 -4.37 13.28 15.81
N TYR B 191 -5.02 14.27 15.23
CA TYR B 191 -4.60 14.83 13.95
C TYR B 191 -3.91 16.18 14.15
N SER B 192 -3.07 16.52 13.18
CA SER B 192 -2.40 17.81 13.21
C SER B 192 -1.99 18.18 11.80
N LEU B 193 -2.03 19.48 11.53
CA LEU B 193 -1.62 20.02 10.25
C LEU B 193 -0.99 21.38 10.49
N SER B 194 -0.52 22.00 9.42
CA SER B 194 -0.03 23.37 9.46
C SER B 194 -0.65 24.13 8.31
N SER B 195 -0.82 25.44 8.50
CA SER B 195 -1.25 26.30 7.41
C SER B 195 -0.25 27.44 7.30
N VAL B 196 0.26 27.66 6.09
CA VAL B 196 1.37 28.58 5.87
C VAL B 196 1.05 29.49 4.69
N VAL B 197 1.47 30.74 4.79
CA VAL B 197 1.33 31.69 3.70
C VAL B 197 2.66 32.39 3.49
N THR B 198 2.95 32.70 2.24
CA THR B 198 4.08 33.53 1.88
C THR B 198 3.59 34.91 1.48
N VAL B 199 4.20 35.94 2.07
CA VAL B 199 3.83 37.33 1.87
C VAL B 199 5.09 38.10 1.53
N PRO B 200 4.98 39.31 1.00
CA PRO B 200 6.19 40.13 0.83
C PRO B 200 6.71 40.58 2.19
N SER B 201 8.02 40.42 2.39
CA SER B 201 8.61 40.70 3.70
C SER B 201 8.36 42.15 4.12
N SER B 202 8.31 43.06 3.14
CA SER B 202 8.02 44.46 3.42
C SER B 202 6.69 44.65 4.15
N SER B 203 5.78 43.68 4.09
CA SER B 203 4.44 43.88 4.60
C SER B 203 4.29 43.53 6.07
N LEU B 204 5.29 42.90 6.68
CA LEU B 204 5.28 42.75 8.13
C LEU B 204 5.40 44.13 8.78
N GLY B 205 4.83 44.25 9.97
CA GLY B 205 4.88 45.51 10.69
C GLY B 205 3.87 46.53 10.22
N THR B 206 3.14 46.25 9.16
CA THR B 206 2.01 47.07 8.68
C THR B 206 0.74 46.26 8.54
N GLN B 207 0.82 45.06 8.00
CA GLN B 207 -0.34 44.18 7.82
C GLN B 207 -0.34 43.16 8.94
N THR B 208 -1.46 43.06 9.65
CA THR B 208 -1.63 42.02 10.65
C THR B 208 -2.06 40.72 9.97
N TYR B 209 -1.55 39.60 10.48
CA TYR B 209 -1.87 38.28 9.94
C TYR B 209 -2.44 37.42 11.05
N ILE B 210 -3.74 37.14 10.96
CA ILE B 210 -4.47 36.30 11.90
C ILE B 210 -4.91 35.04 11.16
N CYS B 211 -4.75 33.88 11.80
CA CYS B 211 -5.27 32.65 11.23
C CYS B 211 -6.48 32.21 12.05
N ASN B 212 -7.53 31.78 11.34
CA ASN B 212 -8.82 31.45 11.92
C ASN B 212 -9.05 29.96 11.71
N VAL B 213 -9.01 29.21 12.81
CA VAL B 213 -9.21 27.77 12.78
C VAL B 213 -10.63 27.47 13.25
N ASP B 214 -11.27 26.51 12.58
CA ASP B 214 -12.58 26.01 12.93
C ASP B 214 -12.55 24.49 13.00
N HIS B 215 -13.17 23.94 14.05
CA HIS B 215 -13.31 22.51 14.25
C HIS B 215 -14.74 22.28 14.77
N LYS B 216 -15.67 22.12 13.84
CA LYS B 216 -17.08 21.99 14.21
C LYS B 216 -17.39 20.76 15.07
N PRO B 217 -16.74 19.61 14.92
CA PRO B 217 -17.06 18.48 15.81
C PRO B 217 -16.87 18.78 17.28
N SER B 218 -16.02 19.74 17.65
CA SER B 218 -15.88 20.14 19.04
C SER B 218 -16.30 21.58 19.30
N ASN B 219 -16.98 22.21 18.33
CA ASN B 219 -17.35 23.63 18.40
C ASN B 219 -16.17 24.52 18.79
N THR B 220 -15.04 24.28 18.14
CA THR B 220 -13.85 25.09 18.36
C THR B 220 -13.71 26.17 17.29
N LYS B 221 -13.60 27.43 17.72
CA LYS B 221 -13.14 28.51 16.88
C LYS B 221 -11.97 29.21 17.56
N VAL B 222 -10.89 29.42 16.82
CA VAL B 222 -9.69 30.02 17.38
C VAL B 222 -9.15 31.05 16.39
N ASP B 223 -8.79 32.23 16.90
CA ASP B 223 -8.11 33.25 16.09
C ASP B 223 -6.74 33.49 16.71
N LYS B 224 -5.70 33.07 16.01
CA LYS B 224 -4.32 33.25 16.49
C LYS B 224 -3.61 34.30 15.66
N LYS B 225 -3.05 35.30 16.33
CA LYS B 225 -2.29 36.35 15.67
C LYS B 225 -0.83 35.93 15.58
N VAL B 226 -0.22 36.19 14.43
CA VAL B 226 1.14 35.75 14.14
C VAL B 226 2.00 36.99 14.01
N GLU B 227 2.94 37.16 14.94
CA GLU B 227 3.76 38.35 14.98
C GLU B 227 5.16 38.06 14.47
N PRO B 228 5.78 38.99 13.73
CA PRO B 228 7.15 38.77 13.28
C PRO B 228 8.14 38.78 14.44
N LYS B 229 9.17 37.94 14.32
CA LYS B 229 10.08 37.68 15.43
C LYS B 229 11.24 38.66 15.50
N SER B 230 11.79 39.05 14.35
CA SER B 230 13.05 39.78 14.27
C SER B 230 14.16 38.89 14.82
N CYS B 231 14.62 37.95 14.00
CA CYS B 231 15.55 36.90 14.42
C CYS B 231 16.79 37.45 15.10
N ASN C 1 -34.17 -1.88 -9.70
CA ASN C 1 -35.36 -2.74 -9.71
C ASN C 1 -36.21 -2.37 -10.92
N TRP C 2 -36.85 -1.20 -10.85
CA TRP C 2 -37.45 -0.59 -12.03
C TRP C 2 -36.37 -0.21 -13.03
N PHE C 3 -35.21 0.20 -12.51
CA PHE C 3 -34.05 0.55 -13.31
C PHE C 3 -33.72 -0.58 -14.28
N ASP C 4 -33.52 -1.79 -13.75
CA ASP C 4 -33.21 -2.94 -14.59
C ASP C 4 -34.32 -3.21 -15.60
N ILE C 5 -35.57 -2.92 -15.22
CA ILE C 5 -36.68 -3.17 -16.15
C ILE C 5 -36.54 -2.26 -17.38
N THR C 6 -36.16 -1.00 -17.16
CA THR C 6 -36.00 -0.08 -18.28
C THR C 6 -35.03 -0.63 -19.34
N ASN C 7 -34.05 -1.44 -18.92
CA ASN C 7 -33.12 -2.08 -19.84
C ASN C 7 -33.88 -2.83 -20.95
N TRP C 8 -34.84 -3.65 -20.56
CA TRP C 8 -35.64 -4.40 -21.53
C TRP C 8 -36.65 -3.49 -22.21
N LEU C 9 -37.27 -2.61 -21.43
CA LEU C 9 -38.26 -1.69 -21.98
C LEU C 9 -37.70 -0.94 -23.18
N TRP C 10 -36.40 -0.60 -23.16
CA TRP C 10 -35.81 0.08 -24.31
C TRP C 10 -36.00 -0.72 -25.59
N TYR C 11 -35.75 -2.03 -25.54
CA TYR C 11 -35.91 -2.87 -26.72
C TYR C 11 -37.38 -3.00 -27.11
N ILE C 12 -38.25 -3.17 -26.12
CA ILE C 12 -39.70 -3.11 -26.38
C ILE C 12 -40.04 -1.84 -27.18
N LYS C 13 -39.58 -0.69 -26.67
CA LYS C 13 -39.82 0.59 -27.32
C LYS C 13 -39.26 0.62 -28.73
N LEU C 14 -38.13 -0.05 -28.98
CA LEU C 14 -37.59 -0.10 -30.33
C LEU C 14 -38.51 -0.90 -31.24
N PHE C 15 -38.89 -2.10 -30.81
CA PHE C 15 -39.91 -2.91 -31.48
C PHE C 15 -41.13 -2.07 -31.84
N ILE C 16 -41.54 -1.16 -30.95
CA ILE C 16 -42.69 -0.32 -31.25
C ILE C 16 -42.34 0.71 -32.32
N MET C 17 -41.21 1.41 -32.13
CA MET C 17 -40.83 2.49 -33.05
C MET C 17 -40.70 2.00 -34.48
N ILE C 18 -40.20 0.78 -34.65
CA ILE C 18 -40.08 0.20 -35.99
C ILE C 18 -41.43 0.20 -36.71
N VAL C 19 -42.48 -0.21 -36.03
CA VAL C 19 -43.81 -0.23 -36.64
C VAL C 19 -44.51 1.10 -36.41
N ASP D 1 -7.76 -24.89 19.79
CA ASP D 1 -7.27 -23.78 18.98
C ASP D 1 -8.27 -23.39 17.90
N ILE D 2 -8.42 -22.08 17.70
CA ILE D 2 -9.38 -21.56 16.73
C ILE D 2 -8.83 -21.80 15.33
N GLN D 3 -9.58 -22.54 14.51
CA GLN D 3 -9.17 -22.78 13.13
C GLN D 3 -9.53 -21.61 12.21
N MET D 4 -8.59 -21.28 11.32
CA MET D 4 -8.68 -20.15 10.40
C MET D 4 -8.56 -20.66 8.96
N THR D 5 -9.45 -20.18 8.09
CA THR D 5 -9.35 -20.55 6.67
C THR D 5 -9.67 -19.36 5.79
N GLN D 6 -8.77 -19.06 4.85
CA GLN D 6 -8.93 -17.99 3.89
C GLN D 6 -9.45 -18.52 2.56
N SER D 7 -10.15 -17.65 1.83
CA SER D 7 -10.59 -17.92 0.47
C SER D 7 -10.45 -16.67 -0.39
N PRO D 8 -9.99 -16.82 -1.64
CA PRO D 8 -9.49 -18.06 -2.24
C PRO D 8 -8.03 -18.30 -1.83
N SER D 9 -7.52 -19.51 -2.04
CA SER D 9 -6.14 -19.80 -1.68
C SER D 9 -5.18 -18.99 -2.53
N SER D 10 -5.40 -18.96 -3.85
CA SER D 10 -4.62 -18.16 -4.79
C SER D 10 -5.58 -17.42 -5.71
N LEU D 11 -5.15 -16.24 -6.16
CA LEU D 11 -5.91 -15.48 -7.15
C LEU D 11 -4.94 -14.63 -7.95
N SER D 12 -5.43 -14.08 -9.05
CA SER D 12 -4.68 -13.11 -9.84
C SER D 12 -5.57 -11.94 -10.24
N ALA D 13 -4.95 -10.77 -10.38
CA ALA D 13 -5.66 -9.54 -10.64
C ALA D 13 -4.83 -8.66 -11.55
N SER D 14 -5.51 -7.85 -12.36
CA SER D 14 -4.85 -6.82 -13.16
C SER D 14 -4.68 -5.56 -12.32
N VAL D 15 -3.59 -4.82 -12.58
CA VAL D 15 -3.35 -3.58 -11.87
C VAL D 15 -4.55 -2.66 -12.01
N GLY D 16 -5.05 -2.16 -10.88
CA GLY D 16 -6.24 -1.33 -10.83
C GLY D 16 -7.45 -2.05 -10.26
N ASP D 17 -7.52 -3.36 -10.43
CA ASP D 17 -8.67 -4.14 -9.99
C ASP D 17 -8.90 -4.01 -8.49
N LYS D 18 -10.16 -4.19 -8.10
CA LYS D 18 -10.54 -4.39 -6.70
C LYS D 18 -10.40 -5.86 -6.35
N VAL D 19 -9.85 -6.13 -5.16
CA VAL D 19 -9.58 -7.50 -4.71
C VAL D 19 -10.10 -7.66 -3.29
N THR D 20 -10.94 -8.67 -3.06
CA THR D 20 -11.38 -9.02 -1.72
C THR D 20 -10.93 -10.41 -1.34
N ILE D 21 -10.43 -10.54 -0.10
CA ILE D 21 -9.92 -11.78 0.46
C ILE D 21 -10.72 -12.07 1.72
N THR D 22 -11.29 -13.27 1.82
CA THR D 22 -12.21 -13.60 2.88
C THR D 22 -11.55 -14.52 3.90
N CYS D 23 -11.82 -14.29 5.18
CA CYS D 23 -11.21 -15.03 6.29
C CYS D 23 -12.33 -15.50 7.20
N ARG D 24 -12.49 -16.83 7.29
CA ARG D 24 -13.53 -17.44 8.11
C ARG D 24 -12.92 -18.20 9.28
N ALA D 25 -13.62 -18.15 10.42
CA ALA D 25 -13.17 -18.72 11.68
C ALA D 25 -14.12 -19.82 12.15
N SER D 26 -13.57 -20.76 12.93
CA SER D 26 -14.37 -21.86 13.44
C SER D 26 -15.28 -21.45 14.59
N GLN D 27 -14.86 -20.46 15.38
CA GLN D 27 -15.69 -19.79 16.37
C GLN D 27 -15.87 -18.33 15.97
N SER D 28 -16.59 -17.59 16.80
CA SER D 28 -16.57 -16.14 16.68
C SER D 28 -15.33 -15.57 17.33
N VAL D 29 -14.71 -14.60 16.65
CA VAL D 29 -13.47 -13.98 17.08
C VAL D 29 -13.71 -12.55 17.53
N THR D 30 -14.98 -12.13 17.59
CA THR D 30 -15.41 -10.80 18.00
C THR D 30 -14.41 -9.71 17.61
N LYS D 31 -14.21 -9.55 16.31
CA LYS D 31 -13.50 -8.45 15.68
C LYS D 31 -12.01 -8.37 16.05
N TYR D 32 -11.47 -9.34 16.77
CA TYR D 32 -10.02 -9.36 17.05
C TYR D 32 -9.30 -10.07 15.91
N LEU D 33 -9.19 -9.36 14.78
CA LEU D 33 -8.75 -9.96 13.53
C LEU D 33 -7.72 -9.03 12.89
N ASN D 34 -6.54 -9.57 12.62
CA ASN D 34 -5.43 -8.78 12.09
C ASN D 34 -5.08 -9.29 10.70
N TRP D 35 -4.53 -8.39 9.88
CA TRP D 35 -4.10 -8.70 8.53
C TRP D 35 -2.64 -8.30 8.35
N TYR D 36 -1.86 -9.20 7.75
CA TYR D 36 -0.44 -9.05 7.52
C TYR D 36 -0.12 -9.34 6.07
N GLN D 37 0.93 -8.67 5.59
CA GLN D 37 1.44 -8.80 4.22
C GLN D 37 2.81 -9.48 4.23
N PHE D 38 2.97 -10.49 3.38
CA PHE D 38 4.18 -11.30 3.26
C PHE D 38 4.73 -11.22 1.85
N LYS D 39 5.96 -10.74 1.73
CA LYS D 39 6.73 -10.79 0.49
C LYS D 39 8.01 -11.56 0.78
N THR D 40 8.48 -12.31 -0.23
CA THR D 40 9.56 -13.26 0.01
C THR D 40 10.87 -12.57 0.39
N GLY D 41 11.15 -11.42 -0.22
CA GLY D 41 12.39 -10.71 0.10
C GLY D 41 12.42 -10.07 1.47
N GLN D 42 11.31 -9.47 1.89
CA GLN D 42 11.32 -8.54 3.00
C GLN D 42 10.70 -9.15 4.25
N ALA D 43 10.83 -8.43 5.35
CA ALA D 43 10.23 -8.84 6.60
C ALA D 43 8.70 -8.77 6.48
N PRO D 44 7.98 -9.71 7.07
CA PRO D 44 6.52 -9.58 7.16
C PRO D 44 6.12 -8.21 7.69
N ARG D 45 4.94 -7.77 7.30
CA ARG D 45 4.51 -6.40 7.55
C ARG D 45 3.02 -6.40 7.84
N ILE D 46 2.65 -5.89 9.02
CA ILE D 46 1.25 -5.80 9.38
C ILE D 46 0.60 -4.67 8.60
N LEU D 47 -0.67 -4.82 8.28
CA LEU D 47 -1.43 -3.71 7.71
C LEU D 47 -2.69 -3.37 8.48
N ILE D 48 -3.40 -4.35 9.04
CA ILE D 48 -4.58 -4.02 9.83
C ILE D 48 -4.60 -4.78 11.14
N TYR D 49 -5.13 -4.14 12.18
CA TYR D 49 -5.38 -4.78 13.47
C TYR D 49 -6.79 -4.45 13.91
N GLY D 50 -7.41 -5.39 14.60
CA GLY D 50 -8.76 -5.20 15.11
C GLY D 50 -9.78 -4.89 14.03
N THR D 51 -9.82 -5.72 12.98
CA THR D 51 -10.78 -5.65 11.89
C THR D 51 -10.59 -4.44 10.97
N TYR D 52 -10.72 -3.22 11.50
CA TYR D 52 -10.75 -2.03 10.66
C TYR D 52 -9.52 -1.15 10.73
N THR D 53 -8.71 -1.23 11.77
CA THR D 53 -7.77 -0.16 12.06
C THR D 53 -6.54 -0.27 11.18
N LEU D 54 -6.29 0.76 10.37
CA LEU D 54 -5.09 0.84 9.55
C LEU D 54 -3.92 1.37 10.37
N LEU D 55 -2.74 0.81 10.13
CA LEU D 55 -1.54 1.31 10.78
C LEU D 55 -0.85 2.36 9.91
N SER D 56 -0.09 3.23 10.56
CA SER D 56 0.60 4.31 9.86
C SER D 56 1.47 3.75 8.74
N GLY D 57 1.53 4.46 7.62
CA GLY D 57 2.33 4.05 6.50
C GLY D 57 1.73 2.95 5.64
N VAL D 58 0.62 2.35 6.06
CA VAL D 58 -0.11 1.44 5.20
C VAL D 58 -1.02 2.26 4.28
N SER D 59 -1.00 1.92 2.99
CA SER D 59 -1.80 2.66 2.03
C SER D 59 -3.30 2.47 2.28
N PRO D 60 -4.11 3.50 2.06
CA PRO D 60 -5.56 3.37 2.26
C PRO D 60 -6.27 2.56 1.17
N ARG D 61 -5.55 2.09 0.14
CA ARG D 61 -6.10 1.05 -0.73
C ARG D 61 -6.56 -0.15 0.06
N PHE D 62 -5.81 -0.52 1.11
CA PHE D 62 -6.21 -1.58 2.01
C PHE D 62 -7.30 -1.13 2.96
N SER D 63 -8.30 -1.99 3.16
CA SER D 63 -9.38 -1.69 4.10
C SER D 63 -9.98 -3.00 4.59
N GLY D 64 -10.29 -3.05 5.88
CA GLY D 64 -10.76 -4.27 6.52
C GLY D 64 -12.20 -4.14 6.96
N ALA D 65 -12.89 -5.29 7.04
CA ALA D 65 -14.31 -5.28 7.40
C ALA D 65 -14.68 -6.65 7.91
N GLY D 66 -15.79 -6.72 8.64
CA GLY D 66 -16.27 -8.00 9.09
C GLY D 66 -16.82 -8.02 10.51
N SER D 67 -17.25 -9.21 10.94
CA SER D 67 -17.75 -9.43 12.29
C SER D 67 -17.96 -10.93 12.46
N GLY D 68 -18.20 -11.33 13.71
CA GLY D 68 -18.54 -12.71 13.98
C GLY D 68 -17.42 -13.63 13.53
N SER D 69 -17.75 -14.58 12.65
CA SER D 69 -16.77 -15.52 12.11
C SER D 69 -16.32 -15.16 10.70
N LEU D 70 -16.65 -13.98 10.20
CA LEU D 70 -16.49 -13.67 8.78
C LEU D 70 -15.89 -12.29 8.63
N TYR D 71 -14.68 -12.22 8.06
CA TYR D 71 -13.97 -10.97 7.84
C TYR D 71 -13.47 -10.91 6.40
N THR D 72 -13.06 -9.73 5.97
CA THR D 72 -12.71 -9.51 4.57
C THR D 72 -11.78 -8.32 4.45
N LEU D 73 -10.62 -8.55 3.84
CA LEU D 73 -9.67 -7.52 3.45
C LEU D 73 -9.91 -7.12 1.99
N THR D 74 -9.78 -5.83 1.70
CA THR D 74 -10.07 -5.33 0.35
C THR D 74 -9.01 -4.35 -0.09
N ILE D 75 -8.45 -4.61 -1.27
CA ILE D 75 -7.48 -3.75 -1.92
C ILE D 75 -8.20 -3.02 -3.05
N THR D 76 -8.18 -1.69 -2.99
CA THR D 76 -9.07 -0.88 -3.82
C THR D 76 -8.55 -0.75 -5.25
N ASN D 77 -7.27 -0.44 -5.40
CA ASN D 77 -6.73 0.03 -6.67
C ASN D 77 -5.38 -0.64 -6.92
N ILE D 78 -5.38 -1.97 -6.79
CA ILE D 78 -4.18 -2.80 -6.61
C ILE D 78 -3.02 -2.33 -7.47
N GLN D 79 -1.85 -2.17 -6.84
CA GLN D 79 -0.67 -1.63 -7.50
C GLN D 79 0.43 -2.68 -7.49
N PRO D 80 1.50 -2.53 -8.28
CA PRO D 80 2.54 -3.58 -8.29
C PRO D 80 3.06 -3.95 -6.92
N GLU D 81 3.22 -2.99 -6.02
CA GLU D 81 3.80 -3.31 -4.72
C GLU D 81 2.81 -4.03 -3.80
N ASP D 82 1.56 -4.18 -4.21
CA ASP D 82 0.57 -4.85 -3.38
C ASP D 82 0.49 -6.35 -3.64
N PHE D 83 1.06 -6.83 -4.75
CA PHE D 83 1.01 -8.25 -5.06
C PHE D 83 1.92 -9.01 -4.10
N ALA D 84 1.34 -9.97 -3.38
CA ALA D 84 1.99 -10.53 -2.20
C ALA D 84 1.13 -11.65 -1.64
N THR D 85 1.48 -12.22 -0.49
CA THR D 85 0.55 -13.16 0.13
C THR D 85 0.09 -12.62 1.48
N TYR D 86 -1.19 -12.76 1.75
CA TYR D 86 -1.83 -12.10 2.87
C TYR D 86 -2.32 -13.13 3.88
N TYR D 87 -2.13 -12.81 5.17
CA TYR D 87 -2.54 -13.70 6.25
C TYR D 87 -3.44 -12.96 7.22
N CYS D 88 -4.49 -13.65 7.69
CA CYS D 88 -5.32 -13.17 8.79
C CYS D 88 -4.99 -13.94 10.06
N GLN D 89 -5.14 -13.27 11.20
CA GLN D 89 -4.81 -13.87 12.49
C GLN D 89 -5.85 -13.44 13.52
N GLN D 90 -6.23 -14.37 14.40
CA GLN D 90 -7.15 -14.08 15.50
C GLN D 90 -6.43 -13.82 16.82
N ALA D 91 -6.90 -12.79 17.54
CA ALA D 91 -6.38 -12.44 18.85
C ALA D 91 -7.41 -12.72 19.95
N HIS D 92 -8.53 -13.36 19.61
CA HIS D 92 -9.58 -13.65 20.58
C HIS D 92 -9.20 -14.70 21.62
N SER D 93 -8.62 -15.82 21.22
CA SER D 93 -8.34 -16.89 22.15
C SER D 93 -6.90 -16.91 22.68
N THR D 94 -6.67 -17.81 23.63
CA THR D 94 -5.36 -17.94 24.27
C THR D 94 -4.25 -18.31 23.28
N PRO D 95 -4.42 -19.28 22.35
CA PRO D 95 -3.33 -19.55 21.42
C PRO D 95 -3.71 -18.95 20.08
N TRP D 96 -2.97 -17.92 19.69
CA TRP D 96 -3.28 -17.22 18.46
C TRP D 96 -2.95 -18.09 17.26
N THR D 97 -3.81 -18.03 16.25
CA THR D 97 -3.65 -18.84 15.05
C THR D 97 -3.84 -17.97 13.82
N PHE D 98 -3.10 -18.33 12.77
CA PHE D 98 -3.12 -17.62 11.49
C PHE D 98 -3.95 -18.41 10.48
N GLY D 99 -4.32 -17.74 9.40
CA GLY D 99 -4.86 -18.44 8.25
C GLY D 99 -3.75 -19.12 7.47
N GLN D 100 -4.14 -19.72 6.35
CA GLN D 100 -3.19 -20.46 5.54
C GLN D 100 -2.54 -19.60 4.47
N GLY D 101 -3.11 -18.45 4.16
CA GLY D 101 -2.50 -17.47 3.29
C GLY D 101 -3.20 -17.42 1.95
N THR D 102 -3.33 -16.20 1.41
CA THR D 102 -3.88 -15.97 0.08
C THR D 102 -2.83 -15.28 -0.77
N HIS D 103 -2.42 -15.93 -1.86
CA HIS D 103 -1.37 -15.41 -2.71
C HIS D 103 -2.00 -14.63 -3.86
N VAL D 104 -1.63 -13.37 -4.00
CA VAL D 104 -2.16 -12.46 -5.00
C VAL D 104 -1.04 -12.13 -5.99
N ALA D 105 -1.23 -12.56 -7.23
CA ALA D 105 -0.28 -12.42 -8.32
C ALA D 105 -0.89 -11.55 -9.41
N ALA D 106 -0.05 -11.10 -10.35
CA ALA D 106 -0.48 -10.14 -11.36
C ALA D 106 -0.86 -10.83 -12.67
N ASN D 107 -1.93 -10.35 -13.28
CA ASN D 107 -2.27 -10.64 -14.67
C ASN D 107 -1.78 -9.49 -15.55
N ARG D 108 -1.29 -9.84 -16.75
CA ARG D 108 -0.72 -8.85 -17.66
C ARG D 108 -0.69 -9.43 -19.07
N THR D 109 -0.31 -8.59 -20.02
CA THR D 109 -0.29 -8.98 -21.42
C THR D 109 0.85 -9.95 -21.72
N VAL D 110 0.60 -10.81 -22.71
CA VAL D 110 1.57 -11.84 -23.08
C VAL D 110 2.91 -11.21 -23.45
N ALA D 111 3.99 -11.83 -22.98
CA ALA D 111 5.35 -11.40 -23.30
C ALA D 111 6.20 -12.63 -23.53
N ALA D 112 6.80 -12.72 -24.72
CA ALA D 112 7.59 -13.89 -25.06
C ALA D 112 8.93 -13.87 -24.32
N PRO D 113 9.50 -15.04 -24.05
CA PRO D 113 10.77 -15.09 -23.33
C PRO D 113 11.97 -14.88 -24.22
N SER D 114 13.01 -14.28 -23.64
CA SER D 114 14.31 -14.26 -24.29
C SER D 114 15.06 -15.51 -23.86
N VAL D 115 15.57 -16.28 -24.81
CA VAL D 115 16.17 -17.58 -24.52
C VAL D 115 17.68 -17.50 -24.66
N PHE D 116 18.39 -18.05 -23.68
CA PHE D 116 19.84 -18.13 -23.67
C PHE D 116 20.22 -19.57 -23.33
N ILE D 117 21.43 -19.96 -23.73
CA ILE D 117 21.96 -21.27 -23.36
C ILE D 117 23.39 -21.07 -22.87
N PHE D 118 23.74 -21.80 -21.80
CA PHE D 118 25.04 -21.70 -21.16
C PHE D 118 25.70 -23.07 -21.15
N PRO D 119 26.88 -23.21 -21.75
CA PRO D 119 27.63 -24.47 -21.68
C PRO D 119 28.30 -24.62 -20.33
N PRO D 120 28.83 -25.80 -20.01
CA PRO D 120 29.46 -26.00 -18.70
C PRO D 120 30.85 -25.41 -18.59
N SER D 121 31.15 -24.93 -17.38
CA SER D 121 32.43 -24.33 -17.06
C SER D 121 33.55 -25.35 -17.16
N ASP D 122 34.69 -24.93 -17.73
CA ASP D 122 35.87 -25.78 -17.75
C ASP D 122 36.18 -26.36 -16.37
N GLU D 123 36.23 -25.49 -15.34
CA GLU D 123 36.47 -25.91 -13.97
C GLU D 123 35.55 -27.08 -13.57
N GLN D 124 34.27 -26.98 -13.91
CA GLN D 124 33.36 -28.04 -13.50
C GLN D 124 33.59 -29.32 -14.30
N LEU D 125 34.01 -29.20 -15.56
CA LEU D 125 34.38 -30.40 -16.30
C LEU D 125 35.60 -31.05 -15.66
N LYS D 126 36.50 -30.22 -15.11
CA LYS D 126 37.62 -30.75 -14.34
C LYS D 126 37.12 -31.54 -13.15
N SER D 127 36.08 -31.02 -12.48
CA SER D 127 35.56 -31.71 -11.29
C SER D 127 34.97 -33.07 -11.64
N GLY D 128 34.53 -33.27 -12.88
CA GLY D 128 34.04 -34.55 -13.34
C GLY D 128 32.57 -34.63 -13.67
N THR D 129 31.82 -33.54 -13.57
CA THR D 129 30.45 -33.47 -14.07
C THR D 129 30.29 -32.23 -14.93
N ALA D 130 29.13 -32.11 -15.57
CA ALA D 130 28.87 -31.04 -16.52
C ALA D 130 27.41 -30.63 -16.41
N SER D 131 27.18 -29.35 -16.18
CA SER D 131 25.84 -28.77 -16.13
C SER D 131 25.66 -27.83 -17.31
N VAL D 132 24.54 -27.97 -18.00
CA VAL D 132 24.20 -27.12 -19.13
C VAL D 132 22.89 -26.41 -18.79
N VAL D 133 22.87 -25.09 -18.92
CA VAL D 133 21.74 -24.29 -18.46
C VAL D 133 20.98 -23.71 -19.64
N CYS D 134 19.66 -23.81 -19.60
CA CYS D 134 18.79 -23.06 -20.50
C CYS D 134 18.08 -21.99 -19.67
N LEU D 135 18.11 -20.75 -20.15
CA LEU D 135 17.50 -19.63 -19.46
C LEU D 135 16.37 -19.07 -20.31
N LEU D 136 15.19 -18.95 -19.73
CA LEU D 136 14.05 -18.29 -20.34
C LEU D 136 13.77 -17.05 -19.50
N ASN D 137 14.03 -15.88 -20.06
CA ASN D 137 13.99 -14.64 -19.30
C ASN D 137 12.73 -13.86 -19.63
N ASN D 138 12.05 -13.43 -18.56
CA ASN D 138 11.03 -12.38 -18.57
C ASN D 138 9.90 -12.71 -19.55
N PHE D 139 9.08 -13.68 -19.15
CA PHE D 139 7.98 -14.16 -19.97
C PHE D 139 6.70 -14.20 -19.14
N TYR D 140 5.58 -14.32 -19.84
CA TYR D 140 4.25 -14.43 -19.23
C TYR D 140 3.31 -14.96 -20.29
N PRO D 141 2.44 -15.93 -19.97
CA PRO D 141 2.18 -16.54 -18.64
C PRO D 141 3.23 -17.55 -18.18
N ARG D 142 3.03 -18.06 -16.96
CA ARG D 142 4.05 -18.89 -16.31
C ARG D 142 4.28 -20.18 -17.08
N GLU D 143 3.26 -20.68 -17.78
CA GLU D 143 3.33 -21.99 -18.40
C GLU D 143 4.26 -21.93 -19.62
N ALA D 144 5.31 -22.75 -19.59
CA ALA D 144 6.24 -22.85 -20.70
C ALA D 144 6.84 -24.25 -20.72
N LYS D 145 7.04 -24.80 -21.91
CA LYS D 145 7.60 -26.13 -22.09
C LYS D 145 9.05 -26.02 -22.56
N VAL D 146 9.93 -26.80 -21.95
CA VAL D 146 11.37 -26.74 -22.21
C VAL D 146 11.85 -28.15 -22.48
N GLN D 147 12.24 -28.42 -23.72
CA GLN D 147 12.71 -29.74 -24.14
C GLN D 147 14.22 -29.69 -24.37
N TRP D 148 14.90 -30.76 -23.96
CA TRP D 148 16.34 -30.90 -24.19
C TRP D 148 16.56 -31.87 -25.34
N LYS D 149 17.47 -31.53 -26.25
CA LYS D 149 17.82 -32.44 -27.33
C LYS D 149 19.34 -32.47 -27.51
N VAL D 150 19.89 -33.68 -27.43
CA VAL D 150 21.33 -33.93 -27.53
C VAL D 150 21.54 -34.79 -28.77
N ASP D 151 22.26 -34.24 -29.76
CA ASP D 151 22.50 -34.92 -31.03
C ASP D 151 21.18 -35.36 -31.66
N ASN D 152 20.16 -34.51 -31.53
CA ASN D 152 18.81 -34.63 -32.05
C ASN D 152 17.97 -35.63 -31.25
N ALA D 153 18.51 -36.23 -30.20
CA ALA D 153 17.76 -37.17 -29.39
C ALA D 153 17.15 -36.45 -28.19
N LEU D 154 15.88 -36.75 -27.92
CA LEU D 154 15.14 -36.05 -26.88
C LEU D 154 15.40 -36.65 -25.50
N GLN D 155 15.55 -35.78 -24.51
CA GLN D 155 15.96 -36.16 -23.17
C GLN D 155 14.76 -36.22 -22.23
N SER D 156 14.99 -36.76 -21.03
CA SER D 156 14.01 -36.75 -19.96
C SER D 156 14.57 -37.39 -18.69
N GLY D 157 14.26 -36.79 -17.54
CA GLY D 157 14.73 -37.26 -16.24
C GLY D 157 16.02 -36.62 -15.78
N ASN D 158 16.95 -36.40 -16.71
CA ASN D 158 18.25 -35.80 -16.43
C ASN D 158 18.18 -34.29 -16.17
N SER D 159 17.01 -33.66 -16.30
CA SER D 159 16.91 -32.22 -16.18
C SER D 159 15.98 -31.81 -15.03
N GLN D 160 16.29 -30.66 -14.45
CA GLN D 160 15.49 -30.04 -13.40
C GLN D 160 15.10 -28.63 -13.82
N GLU D 161 13.92 -28.19 -13.39
CA GLU D 161 13.47 -26.85 -13.70
C GLU D 161 13.29 -26.04 -12.43
N SER D 162 13.40 -24.71 -12.58
CA SER D 162 13.18 -23.79 -11.49
C SER D 162 12.57 -22.50 -12.08
N VAL D 163 11.72 -21.85 -11.30
CA VAL D 163 10.97 -20.70 -11.78
C VAL D 163 10.97 -19.63 -10.69
N THR D 164 11.30 -18.40 -11.07
CA THR D 164 11.32 -17.30 -10.11
C THR D 164 9.88 -16.92 -9.74
N GLU D 165 9.76 -16.15 -8.66
CA GLU D 165 8.49 -15.53 -8.36
C GLU D 165 8.25 -14.36 -9.30
N GLN D 166 6.98 -13.99 -9.44
CA GLN D 166 6.63 -12.92 -10.37
C GLN D 166 7.37 -11.63 -9.98
N ASP D 167 7.90 -10.94 -10.98
CA ASP D 167 8.69 -9.75 -10.73
C ASP D 167 7.80 -8.63 -10.19
N SER D 168 8.29 -7.94 -9.15
CA SER D 168 7.48 -6.91 -8.50
C SER D 168 7.04 -5.82 -9.48
N LYS D 169 7.93 -5.41 -10.37
CA LYS D 169 7.64 -4.36 -11.34
C LYS D 169 7.32 -4.89 -12.73
N ASP D 170 8.08 -5.87 -13.22
CA ASP D 170 7.83 -6.43 -14.54
C ASP D 170 6.51 -7.21 -14.58
N SER D 171 6.15 -7.87 -13.48
CA SER D 171 5.03 -8.81 -13.41
C SER D 171 5.21 -10.03 -14.30
N THR D 172 6.44 -10.49 -14.48
CA THR D 172 6.72 -11.64 -15.34
C THR D 172 7.62 -12.63 -14.61
N TYR D 173 7.75 -13.82 -15.20
CA TYR D 173 8.50 -14.93 -14.65
C TYR D 173 9.78 -15.16 -15.46
N SER D 174 10.74 -15.85 -14.84
CA SER D 174 11.90 -16.37 -15.53
C SER D 174 12.15 -17.80 -15.05
N LEU D 175 12.80 -18.59 -15.89
CA LEU D 175 12.88 -20.04 -15.65
C LEU D 175 14.24 -20.57 -16.09
N SER D 176 14.82 -21.43 -15.26
CA SER D 176 16.08 -22.08 -15.53
C SER D 176 15.84 -23.58 -15.65
N SER D 177 16.25 -24.17 -16.77
CA SER D 177 16.28 -25.62 -16.93
C SER D 177 17.73 -26.08 -16.93
N THR D 178 18.14 -26.80 -15.87
CA THR D 178 19.50 -27.29 -15.74
C THR D 178 19.54 -28.78 -16.10
N LEU D 179 20.37 -29.12 -17.07
CA LEU D 179 20.60 -30.50 -17.51
C LEU D 179 21.96 -30.94 -16.97
N THR D 180 21.97 -31.96 -16.13
CA THR D 180 23.20 -32.39 -15.45
C THR D 180 23.63 -33.75 -15.96
N LEU D 181 24.94 -33.90 -16.19
CA LEU D 181 25.49 -35.06 -16.88
C LEU D 181 26.87 -35.38 -16.31
N SER D 182 27.26 -36.64 -16.42
CA SER D 182 28.63 -37.02 -16.13
C SER D 182 29.55 -36.45 -17.21
N LYS D 183 30.81 -36.21 -16.84
CA LYS D 183 31.78 -35.78 -17.84
C LYS D 183 31.92 -36.78 -18.97
N ALA D 184 31.88 -38.07 -18.66
CA ALA D 184 31.80 -39.15 -19.64
C ALA D 184 30.77 -38.86 -20.72
N ASP D 185 29.50 -38.85 -20.32
CA ASP D 185 28.41 -38.65 -21.26
C ASP D 185 28.53 -37.33 -22.01
N TYR D 186 28.89 -36.25 -21.31
CA TYR D 186 29.05 -34.98 -21.99
C TYR D 186 30.13 -35.05 -23.08
N GLU D 187 31.22 -35.78 -22.82
CA GLU D 187 32.25 -35.93 -23.85
C GLU D 187 31.76 -36.78 -25.01
N LYS D 188 30.88 -37.75 -24.72
CA LYS D 188 30.33 -38.61 -25.76
C LYS D 188 29.74 -37.81 -26.92
N HIS D 189 28.78 -36.92 -26.62
CA HIS D 189 27.93 -36.35 -27.65
C HIS D 189 28.46 -35.02 -28.16
N LYS D 190 27.81 -34.50 -29.20
CA LYS D 190 28.23 -33.28 -29.88
C LYS D 190 27.32 -32.09 -29.64
N VAL D 191 26.06 -32.17 -30.09
CA VAL D 191 25.19 -31.01 -30.28
C VAL D 191 24.18 -30.93 -29.15
N TYR D 192 24.28 -29.89 -28.32
CA TYR D 192 23.36 -29.68 -27.20
C TYR D 192 22.42 -28.52 -27.52
N ALA D 193 21.11 -28.78 -27.46
CA ALA D 193 20.13 -27.81 -27.89
C ALA D 193 18.94 -27.77 -26.93
N CYS D 194 18.36 -26.59 -26.78
CA CYS D 194 17.27 -26.32 -25.87
C CYS D 194 16.11 -25.74 -26.67
N GLU D 195 14.97 -26.43 -26.64
CA GLU D 195 13.78 -26.04 -27.40
C GLU D 195 12.74 -25.49 -26.43
N VAL D 196 12.13 -24.37 -26.79
CA VAL D 196 11.21 -23.64 -25.92
C VAL D 196 9.88 -23.48 -26.64
N THR D 197 8.80 -23.83 -25.95
CA THR D 197 7.44 -23.51 -26.39
C THR D 197 6.77 -22.64 -25.34
N HIS D 198 6.08 -21.61 -25.81
CA HIS D 198 5.43 -20.63 -24.95
C HIS D 198 4.35 -19.93 -25.78
N GLN D 199 3.30 -19.48 -25.08
CA GLN D 199 2.16 -18.88 -25.76
C GLN D 199 2.60 -17.74 -26.67
N GLY D 200 3.49 -16.87 -26.18
CA GLY D 200 3.90 -15.70 -26.94
C GLY D 200 4.90 -15.97 -28.05
N LEU D 201 5.27 -17.22 -28.27
CA LEU D 201 6.07 -17.62 -29.41
C LEU D 201 5.19 -18.24 -30.49
N SER D 202 5.46 -17.88 -31.75
CA SER D 202 4.73 -18.47 -32.86
C SER D 202 5.29 -19.83 -33.21
N SER D 203 6.61 -19.91 -33.42
CA SER D 203 7.35 -21.16 -33.55
C SER D 203 8.18 -21.41 -32.30
N PRO D 204 8.32 -22.66 -31.88
CA PRO D 204 9.29 -22.98 -30.82
C PRO D 204 10.66 -22.42 -31.12
N VAL D 205 11.32 -21.91 -30.08
CA VAL D 205 12.60 -21.22 -30.21
C VAL D 205 13.68 -22.13 -29.64
N THR D 206 14.73 -22.37 -30.40
CA THR D 206 15.80 -23.28 -30.02
C THR D 206 17.15 -22.58 -29.98
N LYS D 207 17.92 -22.86 -28.94
CA LYS D 207 19.27 -22.32 -28.80
C LYS D 207 20.21 -23.49 -28.55
N SER D 208 21.38 -23.45 -29.18
CA SER D 208 22.21 -24.64 -29.25
C SER D 208 23.69 -24.31 -29.37
N PHE D 209 24.52 -25.29 -28.98
CA PHE D 209 25.94 -25.22 -29.23
C PHE D 209 26.41 -26.62 -29.66
N ASN D 210 27.67 -26.71 -30.08
CA ASN D 210 28.27 -28.01 -30.41
C ASN D 210 29.42 -28.46 -29.52
N ARG D 211 29.68 -27.79 -28.40
CA ARG D 211 30.79 -28.17 -27.51
C ARG D 211 32.12 -28.05 -28.25
N GLY D 212 32.44 -26.82 -28.67
CA GLY D 212 33.69 -26.62 -29.38
C GLY D 212 34.25 -25.22 -29.36
N GLY D 213 33.44 -24.21 -29.71
CA GLY D 213 33.91 -22.84 -29.71
C GLY D 213 32.88 -21.83 -30.18
N GLU E 1 14.62 2.94 11.96
CA GLU E 1 14.55 3.18 13.39
C GLU E 1 14.79 1.88 14.16
N VAL E 2 13.71 1.31 14.69
CA VAL E 2 13.79 0.05 15.43
C VAL E 2 14.11 -1.07 14.44
N GLN E 3 15.13 -1.86 14.77
CA GLN E 3 15.55 -3.01 13.97
C GLN E 3 15.62 -4.25 14.82
N LEU E 4 15.25 -5.39 14.21
CA LEU E 4 15.17 -6.68 14.88
C LEU E 4 15.95 -7.66 14.02
N VAL E 5 17.11 -8.07 14.51
CA VAL E 5 18.04 -8.94 13.76
C VAL E 5 18.11 -10.29 14.46
N GLU E 6 17.55 -11.31 13.82
CA GLU E 6 17.62 -12.67 14.34
C GLU E 6 18.86 -13.40 13.82
N SER E 7 19.39 -14.29 14.65
CA SER E 7 20.58 -15.03 14.32
C SER E 7 20.64 -16.29 15.17
N GLY E 8 21.39 -17.26 14.68
CA GLY E 8 21.55 -18.54 15.34
C GLY E 8 22.16 -19.52 14.35
N PRO E 9 22.16 -20.81 14.70
CA PRO E 9 22.74 -21.79 13.79
C PRO E 9 21.80 -22.03 12.62
N GLY E 10 22.39 -22.46 11.50
CA GLY E 10 21.61 -22.81 10.33
C GLY E 10 21.06 -24.21 10.44
N LEU E 11 21.85 -25.11 10.99
CA LEU E 11 21.57 -26.54 10.99
C LEU E 11 21.69 -27.05 12.41
N VAL E 12 20.72 -27.86 12.83
CA VAL E 12 20.69 -28.43 14.17
C VAL E 12 20.38 -29.92 14.04
N GLN E 13 21.05 -30.73 14.84
CA GLN E 13 20.82 -32.16 14.80
C GLN E 13 19.49 -32.51 15.47
N PRO E 14 18.84 -33.59 15.01
CA PRO E 14 17.64 -34.07 15.72
C PRO E 14 18.00 -34.41 17.16
N TRP E 15 17.02 -34.21 18.06
CA TRP E 15 17.21 -34.36 19.50
C TRP E 15 18.23 -33.36 20.05
N GLY E 16 18.62 -32.38 19.25
CA GLY E 16 19.44 -31.28 19.71
C GLY E 16 18.61 -30.17 20.32
N THR E 17 19.29 -29.09 20.66
CA THR E 17 18.64 -27.88 21.15
C THR E 17 18.91 -26.74 20.19
N LEU E 18 17.87 -25.98 19.86
CA LEU E 18 17.93 -24.89 18.90
C LEU E 18 17.85 -23.58 19.68
N SER E 19 18.90 -22.78 19.60
CA SER E 19 18.95 -21.51 20.30
C SER E 19 19.08 -20.37 19.30
N LEU E 20 18.21 -19.38 19.43
CA LEU E 20 18.23 -18.20 18.58
C LEU E 20 18.32 -16.95 19.46
N THR E 21 18.83 -15.88 18.86
CA THR E 21 18.91 -14.57 19.50
C THR E 21 18.40 -13.51 18.55
N CYS E 22 17.63 -12.57 19.09
CA CYS E 22 17.10 -11.44 18.34
C CYS E 22 17.59 -10.16 19.00
N ARG E 23 18.44 -9.43 18.27
CA ARG E 23 19.00 -8.15 18.72
C ARG E 23 18.06 -7.01 18.33
N VAL E 24 17.65 -6.23 19.32
CA VAL E 24 16.69 -5.14 19.14
C VAL E 24 17.46 -3.83 19.11
N SER E 25 17.37 -3.10 18.00
CA SER E 25 18.27 -1.97 17.74
C SER E 25 17.59 -0.62 17.87
N GLY E 26 16.30 -0.57 18.22
CA GLY E 26 15.61 0.70 18.33
C GLY E 26 15.46 1.26 19.73
N ASP E 27 14.80 0.51 20.60
CA ASP E 27 14.59 0.92 21.99
C ASP E 27 14.87 -0.26 22.89
N SER E 28 14.81 -0.03 24.20
CA SER E 28 15.13 -1.08 25.15
C SER E 28 14.03 -2.14 25.20
N VAL E 29 14.45 -3.38 25.42
CA VAL E 29 13.51 -4.49 25.57
C VAL E 29 12.75 -4.40 26.89
N SER E 30 13.31 -3.70 27.88
CA SER E 30 12.61 -3.41 29.12
C SER E 30 11.66 -2.23 29.01
N ASN E 31 11.43 -1.71 27.80
CA ASN E 31 10.33 -0.77 27.59
C ASN E 31 9.02 -1.46 27.95
N ASP E 32 8.32 -0.94 28.96
CA ASP E 32 7.07 -1.52 29.41
C ASP E 32 5.90 -1.30 28.46
N ASN E 33 6.09 -0.63 27.32
CA ASN E 33 5.05 -0.51 26.31
C ASN E 33 5.02 -1.65 25.31
N TYR E 34 5.96 -2.60 25.35
CA TYR E 34 6.00 -3.66 24.36
C TYR E 34 6.17 -5.03 25.00
N TYR E 35 5.48 -6.02 24.45
CA TYR E 35 5.86 -7.43 24.54
C TYR E 35 6.73 -7.83 23.35
N TRP E 36 7.37 -8.98 23.47
CA TRP E 36 8.16 -9.56 22.39
C TRP E 36 7.74 -11.00 22.19
N ALA E 37 7.96 -11.51 20.97
CA ALA E 37 7.43 -12.82 20.63
C ALA E 37 8.28 -13.48 19.56
N TRP E 38 8.10 -14.80 19.44
CA TRP E 38 8.67 -15.62 18.38
C TRP E 38 7.56 -16.33 17.62
N ILE E 39 7.64 -16.26 16.28
CA ILE E 39 6.64 -16.84 15.41
C ILE E 39 7.38 -17.59 14.30
N ARG E 40 6.87 -18.76 13.91
CA ARG E 40 7.62 -19.54 12.93
C ARG E 40 6.71 -20.02 11.80
N GLN E 41 7.31 -20.18 10.64
CA GLN E 41 6.65 -20.66 9.44
C GLN E 41 7.32 -21.92 8.93
N THR E 42 6.56 -22.97 8.75
CA THR E 42 7.06 -24.20 8.18
C THR E 42 7.08 -24.03 6.66
N PRO E 43 7.86 -24.84 5.94
CA PRO E 43 7.83 -24.74 4.48
C PRO E 43 6.45 -25.01 3.89
N GLY E 44 5.53 -25.59 4.67
CA GLY E 44 4.16 -25.75 4.24
C GLY E 44 3.31 -24.50 4.42
N ARG E 45 3.93 -23.37 4.77
CA ARG E 45 3.36 -22.02 4.89
C ARG E 45 2.44 -21.82 6.09
N GLU E 46 2.26 -22.80 6.97
CA GLU E 46 1.47 -22.59 8.18
C GLU E 46 2.26 -21.78 9.21
N LEU E 47 1.61 -20.76 9.77
CA LEU E 47 2.25 -19.86 10.72
C LEU E 47 1.83 -20.22 12.14
N GLN E 48 2.81 -20.27 13.05
CA GLN E 48 2.60 -20.72 14.42
C GLN E 48 3.22 -19.72 15.39
N VAL E 49 2.48 -19.40 16.45
CA VAL E 49 2.99 -18.53 17.51
C VAL E 49 3.67 -19.40 18.55
N ILE E 50 4.97 -19.21 18.75
CA ILE E 50 5.70 -20.02 19.72
C ILE E 50 5.44 -19.51 21.13
N GLY E 51 5.50 -18.20 21.34
CA GLY E 51 5.36 -17.65 22.66
C GLY E 51 5.68 -16.18 22.78
N THR E 52 5.20 -15.55 23.85
CA THR E 52 5.43 -14.15 24.12
C THR E 52 6.08 -13.98 25.50
N ILE E 53 6.74 -12.83 25.69
CA ILE E 53 7.40 -12.51 26.94
C ILE E 53 7.33 -11.01 27.19
N TYR E 54 7.18 -10.63 28.45
CA TYR E 54 7.09 -9.23 28.87
C TYR E 54 8.36 -8.83 29.62
N TYR E 55 8.68 -7.54 29.55
CA TYR E 55 9.82 -6.99 30.29
C TYR E 55 9.84 -7.45 31.75
N SER E 56 8.67 -7.70 32.34
CA SER E 56 8.60 -8.10 33.73
C SER E 56 8.99 -9.56 33.96
N GLY E 57 9.07 -10.36 32.90
CA GLY E 57 9.43 -11.76 32.99
C GLY E 57 8.32 -12.73 32.64
N THR E 58 7.07 -12.27 32.58
CA THR E 58 5.96 -13.18 32.35
C THR E 58 5.97 -13.69 30.92
N THR E 59 5.75 -14.99 30.77
CA THR E 59 5.77 -15.64 29.47
C THR E 59 4.45 -16.36 29.20
N TYR E 60 4.11 -16.44 27.92
CA TYR E 60 3.11 -17.37 27.41
C TYR E 60 3.78 -18.27 26.39
N TYR E 61 3.46 -19.56 26.44
CA TYR E 61 3.98 -20.53 25.48
C TYR E 61 2.83 -21.28 24.83
N ASN E 62 2.96 -21.55 23.53
CA ASN E 62 1.99 -22.37 22.84
C ASN E 62 1.91 -23.72 23.53
N PRO E 63 0.70 -24.18 23.91
CA PRO E 63 0.61 -25.46 24.65
C PRO E 63 1.36 -26.62 24.02
N SER E 64 1.27 -26.79 22.70
CA SER E 64 1.88 -27.94 22.03
C SER E 64 3.40 -27.93 22.12
N LEU E 65 3.99 -26.81 22.53
CA LEU E 65 5.43 -26.71 22.69
C LEU E 65 5.84 -26.43 24.12
N ARG E 66 4.89 -26.15 25.02
CA ARG E 66 5.25 -25.67 26.36
C ARG E 66 6.22 -26.61 27.08
N ASN E 67 6.09 -27.92 26.87
CA ASN E 67 6.97 -28.90 27.51
C ASN E 67 8.44 -28.70 27.18
N ARG E 68 8.79 -27.90 26.15
CA ARG E 68 10.16 -27.92 25.65
C ARG E 68 10.62 -26.60 25.04
N VAL E 69 10.03 -25.48 25.46
CA VAL E 69 10.42 -24.18 24.91
C VAL E 69 10.67 -23.20 26.05
N THR E 70 11.60 -22.27 25.81
CA THR E 70 11.95 -21.23 26.77
C THR E 70 12.27 -19.94 26.04
N ILE E 71 11.66 -18.83 26.46
CA ILE E 71 11.98 -17.50 25.94
C ILE E 71 12.50 -16.65 27.09
N SER E 72 13.47 -15.78 26.80
CA SER E 72 13.95 -14.88 27.84
C SER E 72 14.60 -13.66 27.22
N LEU E 73 14.46 -12.51 27.89
CA LEU E 73 15.18 -11.31 27.47
C LEU E 73 16.40 -11.05 28.35
N ASP E 74 17.45 -10.50 27.72
CA ASP E 74 18.67 -10.08 28.38
C ASP E 74 18.77 -8.56 28.23
N LYS E 75 18.34 -7.84 29.28
CA LYS E 75 18.27 -6.39 29.25
C LYS E 75 19.66 -5.77 29.09
N SER E 76 20.71 -6.46 29.57
CA SER E 76 22.04 -5.87 29.61
C SER E 76 22.58 -5.63 28.21
N VAL E 77 22.25 -6.50 27.27
CA VAL E 77 22.67 -6.39 25.89
C VAL E 77 21.48 -6.17 24.96
N ASN E 78 20.28 -6.08 25.52
CA ASN E 78 19.05 -5.78 24.80
C ASN E 78 18.68 -6.86 23.77
N VAL E 79 18.86 -8.13 24.14
CA VAL E 79 18.52 -9.21 23.21
C VAL E 79 17.37 -10.03 23.78
N VAL E 80 16.69 -10.77 22.89
CA VAL E 80 15.70 -11.74 23.30
C VAL E 80 16.05 -13.10 22.71
N SER E 81 16.10 -14.13 23.56
CA SER E 81 16.58 -15.45 23.20
C SER E 81 15.44 -16.45 23.22
N LEU E 82 15.56 -17.45 22.34
CA LEU E 82 14.64 -18.58 22.24
C LEU E 82 15.42 -19.89 22.30
N ARG E 83 15.00 -20.81 23.17
CA ARG E 83 15.52 -22.17 23.18
C ARG E 83 14.38 -23.16 22.95
N LEU E 84 14.60 -24.10 22.04
CA LEU E 84 13.64 -25.15 21.70
C LEU E 84 14.38 -26.48 21.69
N GLY E 85 14.03 -27.38 22.62
CA GLY E 85 14.76 -28.60 22.83
C GLY E 85 14.08 -29.83 22.23
N SER E 86 14.86 -30.92 22.17
CA SER E 86 14.43 -32.18 21.55
C SER E 86 13.82 -31.94 20.17
N VAL E 87 14.57 -31.26 19.32
CA VAL E 87 14.07 -30.78 18.04
C VAL E 87 14.03 -31.92 17.04
N SER E 88 13.00 -31.93 16.20
CA SER E 88 12.85 -32.93 15.15
C SER E 88 12.84 -32.24 13.78
N ALA E 89 12.70 -33.06 12.73
CA ALA E 89 12.53 -32.51 11.39
C ALA E 89 11.32 -31.58 11.31
N ALA E 90 10.26 -31.90 12.04
CA ALA E 90 9.03 -31.09 12.00
C ALA E 90 9.23 -29.69 12.56
N ASP E 91 10.42 -29.37 13.09
CA ASP E 91 10.74 -28.04 13.57
C ASP E 91 11.56 -27.22 12.58
N THR E 92 11.77 -27.74 11.37
CA THR E 92 12.45 -26.98 10.33
C THR E 92 11.54 -25.85 9.87
N ALA E 93 11.99 -24.61 10.04
CA ALA E 93 11.10 -23.47 9.78
C ALA E 93 11.90 -22.18 9.73
N GLN E 94 11.23 -21.14 9.24
CA GLN E 94 11.69 -19.76 9.32
C GLN E 94 11.21 -19.18 10.65
N TYR E 95 12.14 -18.62 11.42
CA TYR E 95 11.87 -18.13 12.77
C TYR E 95 11.96 -16.61 12.80
N TYR E 96 10.82 -15.95 13.00
CA TYR E 96 10.71 -14.50 13.06
C TYR E 96 10.62 -14.03 14.50
N CYS E 97 11.33 -12.95 14.79
CA CYS E 97 11.24 -12.21 16.04
C CYS E 97 10.31 -11.03 15.84
N VAL E 98 9.49 -10.73 16.85
CA VAL E 98 8.32 -9.88 16.62
C VAL E 98 8.08 -9.01 17.86
N ARG E 99 7.53 -7.83 17.62
CA ARG E 99 7.21 -6.85 18.65
C ARG E 99 5.70 -6.77 18.77
N MET E 100 5.23 -6.48 19.99
CA MET E 100 3.79 -6.46 20.18
C MET E 100 3.39 -5.32 21.11
N PRO E 101 2.68 -4.31 20.60
CA PRO E 101 2.23 -3.21 21.45
C PRO E 101 1.44 -3.72 22.65
N SER E 102 1.82 -3.25 23.83
CA SER E 102 1.07 -3.47 25.06
C SER E 102 0.26 -2.21 25.31
N HIS E 103 -0.99 -2.22 24.88
CA HIS E 103 -1.87 -1.08 25.04
C HIS E 103 -2.48 -1.10 26.44
N GLY E 104 -2.28 -0.02 27.18
CA GLY E 104 -2.78 0.07 28.52
C GLY E 104 -4.28 0.32 28.58
N PHE E 105 -4.80 0.18 29.80
CA PHE E 105 -6.24 0.12 30.03
C PHE E 105 -6.98 1.28 29.36
N TRP E 106 -6.41 2.48 29.42
CA TRP E 106 -7.09 3.66 28.91
C TRP E 106 -6.76 3.96 27.46
N SER E 107 -5.86 3.20 26.84
CA SER E 107 -5.60 3.36 25.41
C SER E 107 -6.88 3.14 24.61
N THR E 108 -7.04 3.94 23.55
CA THR E 108 -8.11 3.70 22.59
C THR E 108 -8.12 2.25 22.10
N SER E 109 -6.94 1.63 22.02
CA SER E 109 -6.82 0.30 21.44
C SER E 109 -6.51 -0.71 22.53
N PHE E 110 -7.29 -0.69 23.60
CA PHE E 110 -7.12 -1.63 24.69
C PHE E 110 -7.72 -2.98 24.31
N SER E 111 -7.03 -4.06 24.69
CA SER E 111 -7.38 -5.46 24.46
C SER E 111 -7.09 -5.86 23.02
N TYR E 112 -6.63 -4.94 22.17
CA TYR E 112 -6.26 -5.24 20.80
C TYR E 112 -4.81 -5.71 20.79
N TRP E 113 -4.61 -7.00 20.47
CA TRP E 113 -3.30 -7.63 20.54
C TRP E 113 -2.85 -8.00 19.12
N TYR E 114 -1.82 -7.31 18.63
CA TYR E 114 -1.38 -7.48 17.26
C TYR E 114 0.14 -7.39 17.17
N PHE E 115 0.69 -8.05 16.16
CA PHE E 115 2.13 -8.13 15.96
C PHE E 115 2.55 -7.01 15.00
N ASP E 116 3.05 -5.91 15.55
CA ASP E 116 3.17 -4.69 14.76
C ASP E 116 4.52 -4.52 14.08
N LEU E 117 5.51 -5.36 14.39
CA LEU E 117 6.82 -5.22 13.77
C LEU E 117 7.52 -6.58 13.74
N TRP E 118 8.05 -6.94 12.57
CA TRP E 118 8.62 -8.26 12.34
C TRP E 118 10.05 -8.12 11.84
N GLY E 119 10.91 -9.03 12.28
CA GLY E 119 12.24 -9.15 11.71
C GLY E 119 12.22 -9.89 10.39
N ARG E 120 13.39 -10.04 9.79
CA ARG E 120 13.47 -10.66 8.47
C ARG E 120 13.32 -12.17 8.52
N GLY E 121 13.45 -12.78 9.69
CA GLY E 121 13.36 -14.22 9.79
C GLY E 121 14.73 -14.88 9.82
N HIS E 122 14.75 -16.14 10.24
CA HIS E 122 15.98 -16.91 10.24
C HIS E 122 15.62 -18.38 10.07
N PHE E 123 16.20 -19.00 9.03
CA PHE E 123 15.83 -20.36 8.68
C PHE E 123 16.72 -21.37 9.41
N VAL E 124 16.11 -22.46 9.86
CA VAL E 124 16.81 -23.50 10.60
C VAL E 124 16.38 -24.83 10.01
N ALA E 125 17.35 -25.61 9.50
CA ALA E 125 17.10 -26.96 9.05
C ALA E 125 17.49 -27.94 10.15
N VAL E 126 16.74 -29.01 10.27
CA VAL E 126 16.99 -30.06 11.25
C VAL E 126 17.21 -31.36 10.48
N SER E 127 18.44 -31.85 10.47
CA SER E 127 18.78 -33.01 9.66
C SER E 127 20.02 -33.68 10.22
N TRP E 128 20.04 -35.01 10.14
CA TRP E 128 21.24 -35.77 10.47
C TRP E 128 22.38 -35.44 9.52
N ALA E 129 22.07 -35.22 8.24
CA ALA E 129 23.09 -34.87 7.26
C ALA E 129 23.93 -33.69 7.73
N SER E 130 25.20 -33.71 7.36
CA SER E 130 26.15 -32.68 7.75
C SER E 130 26.30 -31.62 6.65
N THR E 131 26.89 -30.50 7.05
CA THR E 131 26.99 -29.32 6.20
C THR E 131 27.88 -29.60 4.98
N LYS E 132 27.66 -28.79 3.94
CA LYS E 132 28.41 -28.92 2.69
C LYS E 132 28.39 -27.57 2.00
N GLY E 133 29.56 -26.98 1.78
CA GLY E 133 29.64 -25.71 1.09
C GLY E 133 29.46 -25.90 -0.40
N PRO E 134 29.03 -24.85 -1.08
CA PRO E 134 28.74 -24.96 -2.51
C PRO E 134 29.96 -24.72 -3.39
N SER E 135 29.90 -25.30 -4.58
CA SER E 135 30.83 -24.94 -5.65
C SER E 135 30.21 -23.86 -6.52
N VAL E 136 31.02 -22.90 -6.93
CA VAL E 136 30.55 -21.77 -7.72
C VAL E 136 31.22 -21.81 -9.08
N PHE E 137 30.42 -21.89 -10.15
CA PHE E 137 30.97 -21.95 -11.49
C PHE E 137 30.46 -20.79 -12.34
N PRO E 138 31.29 -20.21 -13.19
CA PRO E 138 30.83 -19.09 -14.02
C PRO E 138 29.91 -19.56 -15.14
N LEU E 139 28.90 -18.75 -15.44
CA LEU E 139 28.08 -18.88 -16.64
C LEU E 139 28.43 -17.70 -17.57
N ALA E 140 29.38 -17.93 -18.48
CA ALA E 140 29.97 -16.87 -19.28
C ALA E 140 29.03 -16.43 -20.40
N PRO E 141 28.93 -15.13 -20.67
CA PRO E 141 28.16 -14.67 -21.83
C PRO E 141 28.88 -14.97 -23.14
N SER E 142 28.12 -14.84 -24.23
CA SER E 142 28.65 -15.05 -25.57
C SER E 142 27.78 -14.36 -26.62
N GLY E 149 20.93 -7.60 -28.45
CA GLY E 149 21.49 -6.34 -27.97
C GLY E 149 22.00 -6.49 -26.53
N THR E 150 21.29 -7.29 -25.74
CA THR E 150 21.63 -7.53 -24.35
C THR E 150 22.13 -8.96 -24.17
N ALA E 151 23.15 -9.12 -23.33
CA ALA E 151 23.77 -10.42 -23.08
C ALA E 151 23.42 -10.89 -21.68
N ALA E 152 23.42 -12.21 -21.49
CA ALA E 152 23.15 -12.82 -20.19
C ALA E 152 24.40 -13.51 -19.66
N LEU E 153 24.55 -13.49 -18.33
CA LEU E 153 25.65 -14.16 -17.66
C LEU E 153 25.18 -14.56 -16.28
N GLY E 154 25.96 -15.38 -15.59
CA GLY E 154 25.54 -15.79 -14.27
C GLY E 154 26.56 -16.60 -13.49
N CYS E 155 26.05 -17.24 -12.44
CA CYS E 155 26.83 -18.12 -11.57
C CYS E 155 25.98 -19.32 -11.18
N LEU E 156 26.56 -20.51 -11.28
CA LEU E 156 25.91 -21.74 -10.84
C LEU E 156 26.45 -22.11 -9.47
N VAL E 157 25.55 -22.15 -8.47
CA VAL E 157 25.90 -22.45 -7.09
C VAL E 157 25.38 -23.85 -6.80
N LYS E 158 26.26 -24.83 -6.87
CA LYS E 158 25.88 -26.24 -6.92
C LYS E 158 26.35 -27.01 -5.68
N ASP E 159 25.53 -27.99 -5.28
CA ASP E 159 25.86 -28.97 -4.25
C ASP E 159 26.16 -28.36 -2.88
N TYR E 160 25.11 -27.97 -2.16
CA TYR E 160 25.27 -27.41 -0.82
C TYR E 160 24.14 -27.91 0.06
N PHE E 161 24.40 -27.95 1.37
CA PHE E 161 23.38 -28.30 2.36
C PHE E 161 23.78 -27.68 3.68
N PRO E 162 22.85 -27.06 4.43
CA PRO E 162 21.43 -26.84 4.17
C PRO E 162 21.17 -25.45 3.59
N GLU E 163 19.90 -25.16 3.28
CA GLU E 163 19.53 -23.82 2.89
C GLU E 163 19.69 -22.88 4.08
N PRO E 164 20.06 -21.61 3.84
CA PRO E 164 20.13 -20.98 2.52
C PRO E 164 21.50 -20.41 2.17
N VAL E 165 21.67 -20.05 0.92
CA VAL E 165 22.81 -19.27 0.44
C VAL E 165 22.28 -17.92 -0.03
N THR E 166 23.10 -16.89 0.13
CA THR E 166 22.75 -15.56 -0.37
C THR E 166 23.76 -15.16 -1.43
N VAL E 167 23.26 -14.64 -2.55
CA VAL E 167 24.08 -14.28 -3.70
C VAL E 167 23.89 -12.80 -3.98
N SER E 168 25.00 -12.09 -4.17
CA SER E 168 24.97 -10.69 -4.56
C SER E 168 25.84 -10.51 -5.81
N TRP E 169 25.67 -9.38 -6.47
CA TRP E 169 26.45 -9.07 -7.68
C TRP E 169 27.17 -7.74 -7.51
N ASN E 170 28.45 -7.72 -7.85
CA ASN E 170 29.34 -6.58 -7.65
C ASN E 170 29.14 -5.97 -6.25
N SER E 171 29.15 -6.85 -5.25
CA SER E 171 29.04 -6.46 -3.85
C SER E 171 27.84 -5.53 -3.62
N GLY E 172 26.71 -5.82 -4.28
CA GLY E 172 25.51 -5.04 -4.13
C GLY E 172 25.31 -3.96 -5.18
N ALA E 173 26.35 -3.62 -5.95
CA ALA E 173 26.26 -2.49 -6.87
C ALA E 173 25.38 -2.78 -8.08
N LEU E 174 25.30 -4.04 -8.52
CA LEU E 174 24.49 -4.41 -9.67
C LEU E 174 23.21 -5.05 -9.16
N THR E 175 22.09 -4.37 -9.39
CA THR E 175 20.80 -4.82 -8.85
C THR E 175 19.73 -4.99 -9.91
N SER E 176 19.81 -4.24 -11.01
CA SER E 176 18.74 -4.21 -12.00
C SER E 176 18.99 -5.28 -13.05
N GLY E 177 18.03 -6.20 -13.19
CA GLY E 177 18.13 -7.29 -14.14
C GLY E 177 18.62 -8.59 -13.55
N VAL E 178 18.77 -8.68 -12.23
CA VAL E 178 19.25 -9.88 -11.58
C VAL E 178 18.09 -10.83 -11.29
N HIS E 179 18.35 -12.12 -11.43
CA HIS E 179 17.38 -13.19 -11.19
C HIS E 179 18.12 -14.30 -10.46
N THR E 180 17.91 -14.40 -9.15
CA THR E 180 18.43 -15.51 -8.36
C THR E 180 17.31 -16.51 -8.17
N PHE E 181 17.48 -17.70 -8.73
CA PHE E 181 16.42 -18.68 -8.79
C PHE E 181 16.23 -19.36 -7.44
N PRO E 182 15.03 -19.89 -7.18
CA PRO E 182 14.85 -20.74 -6.01
C PRO E 182 15.68 -22.00 -6.13
N ALA E 183 16.09 -22.55 -5.00
CA ALA E 183 16.91 -23.76 -5.03
C ALA E 183 16.07 -24.94 -5.49
N VAL E 184 16.77 -26.00 -5.90
CA VAL E 184 16.14 -27.29 -6.16
C VAL E 184 16.86 -28.35 -5.36
N LEU E 185 16.11 -29.33 -4.87
CA LEU E 185 16.68 -30.46 -4.13
C LEU E 185 17.08 -31.55 -5.12
N GLN E 186 18.39 -31.77 -5.28
CA GLN E 186 18.85 -32.80 -6.19
C GLN E 186 18.69 -34.19 -5.56
N SER E 187 18.78 -35.22 -6.40
CA SER E 187 18.73 -36.59 -5.92
C SER E 187 19.81 -36.86 -4.87
N SER E 188 21.00 -36.30 -5.07
CA SER E 188 22.08 -36.41 -4.09
C SER E 188 21.69 -35.92 -2.70
N GLY E 189 20.60 -35.18 -2.57
CA GLY E 189 20.19 -34.62 -1.30
C GLY E 189 20.80 -33.27 -0.97
N LEU E 190 21.57 -32.68 -1.88
CA LEU E 190 22.09 -31.34 -1.73
C LEU E 190 21.35 -30.39 -2.67
N TYR E 191 21.52 -29.10 -2.43
CA TYR E 191 20.79 -28.06 -3.14
C TYR E 191 21.66 -27.41 -4.21
N SER E 192 20.98 -26.80 -5.19
CA SER E 192 21.67 -26.08 -6.24
C SER E 192 20.76 -25.00 -6.80
N LEU E 193 21.35 -23.87 -7.17
CA LEU E 193 20.61 -22.77 -7.78
C LEU E 193 21.50 -22.08 -8.80
N SER E 194 20.91 -21.10 -9.50
CA SER E 194 21.64 -20.25 -10.43
C SER E 194 21.24 -18.81 -10.18
N SER E 195 22.17 -17.89 -10.47
CA SER E 195 21.90 -16.46 -10.45
C SER E 195 22.35 -15.85 -11.76
N VAL E 196 21.49 -15.09 -12.41
CA VAL E 196 21.75 -14.61 -13.77
C VAL E 196 21.40 -13.14 -13.89
N VAL E 197 22.22 -12.41 -14.64
CA VAL E 197 22.00 -11.00 -14.92
C VAL E 197 22.00 -10.78 -16.42
N THR E 198 21.17 -9.86 -16.89
CA THR E 198 21.21 -9.37 -18.25
C THR E 198 21.80 -7.97 -18.26
N VAL E 199 22.83 -7.78 -19.08
CA VAL E 199 23.56 -6.51 -19.15
C VAL E 199 23.61 -6.09 -20.62
N PRO E 200 23.94 -4.82 -20.89
CA PRO E 200 24.18 -4.44 -22.29
C PRO E 200 25.44 -5.11 -22.81
N SER E 201 25.34 -5.68 -24.02
CA SER E 201 26.49 -6.38 -24.58
C SER E 201 27.68 -5.46 -24.78
N SER E 202 27.42 -4.18 -25.08
CA SER E 202 28.50 -3.21 -25.23
C SER E 202 29.37 -3.10 -23.99
N SER E 203 28.87 -3.56 -22.83
CA SER E 203 29.53 -3.39 -21.55
C SER E 203 30.39 -4.57 -21.13
N LEU E 204 30.32 -5.69 -21.85
CA LEU E 204 31.06 -6.89 -21.41
C LEU E 204 32.57 -6.63 -21.43
N GLY E 205 33.08 -6.12 -22.54
CA GLY E 205 34.49 -5.81 -22.67
C GLY E 205 35.00 -4.71 -21.77
N THR E 206 34.12 -4.06 -21.00
CA THR E 206 34.51 -2.98 -20.10
C THR E 206 34.18 -3.22 -18.65
N GLN E 207 33.01 -3.77 -18.35
CA GLN E 207 32.57 -3.97 -16.97
C GLN E 207 32.85 -5.40 -16.52
N THR E 208 33.55 -5.53 -15.40
CA THR E 208 33.74 -6.82 -14.76
C THR E 208 32.54 -7.18 -13.91
N TYR E 209 32.16 -8.46 -13.92
CA TYR E 209 30.98 -8.94 -13.20
C TYR E 209 31.39 -10.07 -12.27
N ILE E 210 31.35 -9.80 -10.97
CA ILE E 210 31.68 -10.77 -9.93
C ILE E 210 30.39 -11.14 -9.19
N CYS E 211 30.22 -12.42 -8.89
CA CYS E 211 29.14 -12.87 -8.03
C CYS E 211 29.71 -13.30 -6.68
N ASN E 212 29.01 -12.90 -5.61
CA ASN E 212 29.42 -13.13 -4.23
C ASN E 212 28.43 -14.10 -3.58
N VAL E 213 28.88 -15.32 -3.33
CA VAL E 213 28.06 -16.37 -2.73
C VAL E 213 28.43 -16.49 -1.25
N ASP E 214 27.42 -16.63 -0.40
CA ASP E 214 27.60 -16.83 1.02
C ASP E 214 26.76 -17.99 1.48
N HIS E 215 27.34 -18.86 2.31
CA HIS E 215 26.68 -20.01 2.91
C HIS E 215 27.16 -20.08 4.36
N LYS E 216 26.47 -19.34 5.23
CA LYS E 216 26.87 -19.28 6.63
C LYS E 216 26.81 -20.60 7.38
N PRO E 217 25.89 -21.53 7.10
CA PRO E 217 25.94 -22.83 7.79
C PRO E 217 27.26 -23.56 7.66
N SER E 218 28.06 -23.27 6.63
CA SER E 218 29.40 -23.85 6.52
C SER E 218 30.49 -22.79 6.55
N ASN E 219 30.16 -21.55 6.95
CA ASN E 219 31.10 -20.43 6.91
C ASN E 219 31.83 -20.35 5.57
N THR E 220 31.08 -20.48 4.48
CA THR E 220 31.61 -20.32 3.13
C THR E 220 31.34 -18.93 2.60
N LYS E 221 32.39 -18.23 2.18
CA LYS E 221 32.28 -17.02 1.38
C LYS E 221 33.11 -17.21 0.11
N VAL E 222 32.52 -16.94 -1.05
CA VAL E 222 33.20 -17.13 -2.32
C VAL E 222 32.89 -15.96 -3.24
N ASP E 223 33.93 -15.41 -3.88
CA ASP E 223 33.79 -14.35 -4.87
C ASP E 223 34.30 -14.86 -6.21
N LYS E 224 33.40 -15.12 -7.16
CA LYS E 224 33.76 -15.67 -8.45
C LYS E 224 33.47 -14.68 -9.56
N LYS E 225 34.48 -14.34 -10.36
CA LYS E 225 34.32 -13.42 -11.46
C LYS E 225 33.97 -14.17 -12.74
N VAL E 226 33.05 -13.60 -13.52
CA VAL E 226 32.49 -14.24 -14.70
C VAL E 226 32.94 -13.43 -15.91
N GLU E 227 33.85 -14.00 -16.71
CA GLU E 227 34.43 -13.36 -17.88
C GLU E 227 33.91 -13.96 -19.18
N PRO E 228 33.80 -13.15 -20.24
CA PRO E 228 33.32 -13.66 -21.53
C PRO E 228 34.27 -14.72 -22.09
N LYS E 229 33.69 -15.68 -22.80
CA LYS E 229 34.44 -16.86 -23.21
C LYS E 229 35.47 -16.49 -24.27
N SER E 230 36.46 -17.35 -24.44
CA SER E 230 37.61 -17.06 -25.29
C SER E 230 37.87 -18.19 -26.28
N ASN F 1 -4.01 -15.89 32.30
CA ASN F 1 -3.61 -15.31 31.03
C ASN F 1 -4.18 -13.89 30.88
N TRP F 2 -3.28 -12.90 30.85
CA TRP F 2 -3.72 -11.51 30.80
C TRP F 2 -4.40 -11.18 29.47
N PHE F 3 -3.89 -11.74 28.38
CA PHE F 3 -4.47 -11.50 27.07
C PHE F 3 -5.96 -11.85 27.06
N ASP F 4 -6.28 -13.07 27.48
CA ASP F 4 -7.67 -13.51 27.56
C ASP F 4 -8.51 -12.60 28.46
N ILE F 5 -7.92 -12.10 29.55
CA ILE F 5 -8.64 -11.21 30.45
C ILE F 5 -9.03 -9.91 29.75
N THR F 6 -8.13 -9.36 28.92
CA THR F 6 -8.43 -8.09 28.27
C THR F 6 -9.74 -8.12 27.48
N ASN F 7 -10.12 -9.28 26.93
CA ASN F 7 -11.40 -9.40 26.24
C ASN F 7 -12.57 -8.95 27.12
N TRP F 8 -12.60 -9.45 28.36
CA TRP F 8 -13.68 -9.08 29.29
C TRP F 8 -13.49 -7.66 29.80
N LEU F 9 -12.23 -7.32 30.13
CA LEU F 9 -11.91 -5.97 30.59
C LEU F 9 -12.43 -4.91 29.64
N TRP F 10 -12.38 -5.16 28.32
CA TRP F 10 -12.87 -4.17 27.37
C TRP F 10 -14.32 -3.80 27.65
N TYR F 11 -15.17 -4.81 27.88
CA TYR F 11 -16.59 -4.56 28.11
C TYR F 11 -16.80 -3.90 29.47
N ILE F 12 -16.10 -4.38 30.49
CA ILE F 12 -16.10 -3.68 31.79
C ILE F 12 -15.80 -2.20 31.59
N LYS F 13 -14.72 -1.90 30.86
CA LYS F 13 -14.30 -0.52 30.63
C LYS F 13 -15.36 0.27 29.90
N LEU F 14 -16.06 -0.33 28.94
CA LEU F 14 -17.12 0.40 28.25
C LEU F 14 -18.26 0.73 29.20
N PHE F 15 -18.78 -0.27 29.91
CA PHE F 15 -19.73 -0.05 31.00
C PHE F 15 -19.34 1.09 31.93
N ILE F 16 -18.05 1.18 32.25
CA ILE F 16 -17.59 2.25 33.14
C ILE F 16 -17.63 3.60 32.42
N MET F 17 -17.04 3.67 31.23
CA MET F 17 -16.89 4.95 30.55
C MET F 17 -18.24 5.60 30.24
N ILE F 18 -19.24 4.78 29.91
CA ILE F 18 -20.58 5.33 29.69
C ILE F 18 -21.07 6.05 30.94
N VAL F 19 -20.82 5.48 32.11
CA VAL F 19 -21.17 6.13 33.37
C VAL F 19 -20.03 7.03 33.85
#